data_7UM7
#
_entry.id   7UM7
#
_cell.length_a   1.00
_cell.length_b   1.00
_cell.length_c   1.00
_cell.angle_alpha   90.00
_cell.angle_beta   90.00
_cell.angle_gamma   90.00
#
_symmetry.space_group_name_H-M   'P 1'
#
loop_
_entity.id
_entity.type
_entity.pdbx_description
1 polymer '5-hydroxytryptamine receptor 5A'
2 polymer 'miniGo protein'
3 polymer 'Guanine nucleotide-binding protein G(I)/G(S)/G(T) subunit beta-1'
4 polymer 'Guanine nucleotide-binding protein G(I)/G(S)/G(O) subunit gamma-2'
5 polymer 'Single-chain variable fragment scFv16'
6 non-polymer (8beta)-N-[(2S)-1-hydroxybutan-2-yl]-6-methyl-9,10-didehydroergoline-8-carboxamide
#
loop_
_entity_poly.entity_id
_entity_poly.type
_entity_poly.pdbx_seq_one_letter_code
_entity_poly.pdbx_strand_id
1 'polypeptide(L)'
;SSPLLSVFGVLILTLLGFLVAATFAWNLLVLATILRVRTFHRVPHNLVASMAVSDVLVAALVMPLSLVHELSGRRWQLGR
RLCQLWIACDVLCCTASIWNVTAIALDRYWSITRPMEYTLRTRKCVSNVMIALTWALSAVISLAPLLFGWGETYSEGSEE
CQVSREPSYAVFSTVGAFYLPLCVVLFVYWKIYKAAKFRVGSRKTNSVSPISEAVEVKDSAKQPQMVFTVRHATVTFQPE
GDTWREQKEQRAALMVGILIGVFVLCWIPFFLTELISPLCSCDIPAIWKSIFLWLGYSNSFFNPLIYTAFNKNYNSAFKN
FFSRQH
;
A
2 'polypeptide(L)'
;TLSAEDKAAVERSKMIEKNLKEDGISAAKDVKLLLLGADNSGKSTIVKQMKIIHGGSGGSGGTTGIVETHFTFKNLHFRL
FDVGGQRSERKKWIHCFEDVTAIIFCVDLSDYNRMHESLMLFDSICNNKFFIDTSIILFLNKKDLFGEKIKKSPLTICFP
EYTGPNTYEDAAAYIQAQFESKNRSPNKEIYCHMTCATDTNNAQVIFDAVTDIIIANNLRGCGLY
;
B
3 'polypeptide(L)'
;SELDQLRQEAEQLKNQIRDARKACADATLSQITNNIDPVGRIQMRTRRTLRGHLAKIYAMHWGTDSRLLVSASQDGKLII
WDSYTTNKVHAIPLRSSWVMTCAYAPSGNYVACGGLDNICSIYNLKTREGNVRVSRELAGHTGYLSCCRFLDDNQIVTSS
GDTTCALWDIETGQQTTTFTGHTGDVMSLSLAPDTRLFVSGACDASAKLWDVREGMCRQTFTGHESDINAICFFPNGNAF
ATGSDDATCRLFDLRADQELMTYSHDNIICGITSVSFSKSGRLLLAGYDDFNCNVWDALKADRAGVLAGHDNRVSCLGVT
DDGMAVATGSWDSFLKIWN
;
C
4 'polypeptide(L)' MASNNTASIAQARKLVEQLKMEANIDRIKVSKAAADLMAYCEAHAKEDPLLTPVPASENPFREKKFFCAIL D
5 'polypeptide(L)'
;DVQLVESGGGLVQPGGSRKLSCSASGFAFSSFGMHWVRQAPEKGLEWVAYISSGSGTIYYADTVKGRFTISRDDPKNTLF
LQMTSLRSEDTAMYYCVRSIYYYGSSPFDFWGQGTTLTVSSGGGGSGGGGSGGGGSDIVMTQATSSVPVTPGESVSISCR
SSKSLLHSNGNTYLYWFLQRPGQSPQLLIYRMSNLASGVPDRFSGSGSGTAFTLTISRLEAEDVGVYYCMQHLEYPLTFG
AGTKLELKAAA
;
E
#
# COMPACT_ATOMS: atom_id res chain seq x y z
N GLY A 9 42.88 43.55 -9.13
CA GLY A 9 41.61 43.07 -9.65
C GLY A 9 41.59 41.58 -9.94
N VAL A 10 42.78 40.98 -9.96
CA VAL A 10 42.88 39.54 -10.21
C VAL A 10 42.21 38.75 -9.10
N LEU A 11 42.43 39.15 -7.85
CA LEU A 11 41.81 38.45 -6.72
C LEU A 11 40.29 38.53 -6.78
N ILE A 12 39.75 39.70 -7.16
CA ILE A 12 38.31 39.87 -7.27
C ILE A 12 37.75 38.93 -8.33
N LEU A 13 38.46 38.78 -9.46
CA LEU A 13 38.01 37.88 -10.52
C LEU A 13 37.98 36.44 -10.03
N THR A 14 38.99 36.02 -9.26
CA THR A 14 39.00 34.67 -8.71
C THR A 14 37.89 34.48 -7.68
N LEU A 15 37.67 35.49 -6.83
CA LEU A 15 36.62 35.39 -5.82
C LEU A 15 35.24 35.29 -6.46
N LEU A 16 34.98 36.11 -7.48
CA LEU A 16 33.69 36.06 -8.15
C LEU A 16 33.51 34.78 -8.95
N GLY A 17 34.60 34.13 -9.34
CA GLY A 17 34.49 32.88 -10.07
C GLY A 17 33.91 31.77 -9.23
N PHE A 18 34.33 31.68 -7.96
CA PHE A 18 33.77 30.67 -7.07
C PHE A 18 32.31 30.95 -6.74
N LEU A 19 31.91 32.22 -6.75
CA LEU A 19 30.52 32.57 -6.48
C LEU A 19 29.60 32.00 -7.55
N VAL A 20 30.01 32.09 -8.82
CA VAL A 20 29.20 31.56 -9.90
C VAL A 20 29.12 30.04 -9.83
N ALA A 21 30.25 29.39 -9.54
CA ALA A 21 30.28 27.93 -9.50
C ALA A 21 29.42 27.38 -8.38
N ALA A 22 29.48 28.00 -7.19
CA ALA A 22 28.73 27.51 -6.04
C ALA A 22 27.23 27.59 -6.30
N THR A 23 26.76 28.70 -6.86
CA THR A 23 25.33 28.86 -7.12
C THR A 23 24.83 27.83 -8.12
N PHE A 24 25.62 27.57 -9.17
CA PHE A 24 25.22 26.56 -10.16
C PHE A 24 25.19 25.16 -9.55
N ALA A 25 26.16 24.82 -8.70
CA ALA A 25 26.24 23.48 -8.15
C ALA A 25 25.22 23.26 -7.04
N TRP A 26 25.07 24.24 -6.14
CA TRP A 26 24.20 24.06 -4.98
C TRP A 26 22.74 23.93 -5.39
N ASN A 27 22.30 24.72 -6.37
CA ASN A 27 20.92 24.61 -6.83
C ASN A 27 20.70 23.30 -7.59
N LEU A 28 21.71 22.84 -8.32
CA LEU A 28 21.61 21.55 -8.99
C LEU A 28 21.45 20.42 -7.98
N LEU A 29 22.17 20.51 -6.86
CA LEU A 29 22.04 19.50 -5.80
C LEU A 29 20.62 19.46 -5.25
N VAL A 30 19.95 20.61 -5.18
CA VAL A 30 18.58 20.66 -4.68
C VAL A 30 17.66 19.86 -5.57
N LEU A 31 17.80 20.01 -6.90
CA LEU A 31 16.99 19.21 -7.83
C LEU A 31 17.33 17.73 -7.69
N ALA A 32 18.62 17.40 -7.55
CA ALA A 32 19.01 16.01 -7.38
C ALA A 32 18.43 15.43 -6.09
N THR A 33 18.45 16.21 -5.01
CA THR A 33 17.90 15.74 -3.74
C THR A 33 16.39 15.55 -3.80
N ILE A 34 15.69 16.37 -4.58
CA ILE A 34 14.23 16.34 -4.62
C ILE A 34 13.72 15.19 -5.47
N LEU A 35 14.14 15.10 -6.74
CA LEU A 35 13.62 14.09 -7.65
C LEU A 35 14.52 12.86 -7.64
N ARG A 36 14.89 12.43 -6.42
CA ARG A 36 15.52 11.14 -6.24
C ARG A 36 15.04 10.48 -4.95
N VAL A 37 14.13 11.13 -4.25
CA VAL A 37 13.65 10.67 -2.95
C VAL A 37 12.13 10.79 -2.94
N ARG A 38 11.48 9.77 -2.35
CA ARG A 38 10.02 9.69 -2.34
C ARG A 38 9.39 10.45 -1.18
N THR A 39 10.19 10.97 -0.25
CA THR A 39 9.66 11.77 0.86
C THR A 39 9.73 13.26 0.61
N PHE A 40 10.21 13.68 -0.55
CA PHE A 40 10.20 15.09 -0.98
C PHE A 40 9.26 15.28 -2.15
N HIS A 41 8.08 14.66 -2.06
CA HIS A 41 7.05 14.77 -3.08
C HIS A 41 5.75 15.25 -2.43
N ARG A 42 5.86 16.28 -1.61
CA ARG A 42 4.72 16.81 -0.86
C ARG A 42 4.40 18.20 -1.40
N VAL A 43 3.31 18.78 -0.89
CA VAL A 43 2.84 20.09 -1.32
C VAL A 43 3.85 21.20 -1.05
N PRO A 44 4.41 21.33 0.16
CA PRO A 44 5.30 22.47 0.42
C PRO A 44 6.57 22.48 -0.44
N HIS A 45 7.00 21.34 -0.96
CA HIS A 45 8.26 21.26 -1.69
C HIS A 45 8.14 21.68 -3.15
N ASN A 46 6.93 21.79 -3.69
CA ASN A 46 6.79 22.22 -5.08
C ASN A 46 7.16 23.69 -5.24
N LEU A 47 6.99 24.49 -4.19
CA LEU A 47 7.40 25.89 -4.24
C LEU A 47 8.92 26.03 -4.22
N VAL A 48 9.62 25.16 -3.50
CA VAL A 48 11.07 25.24 -3.44
C VAL A 48 11.67 24.88 -4.79
N ALA A 49 11.08 23.92 -5.49
CA ALA A 49 11.59 23.52 -6.80
C ALA A 49 11.52 24.67 -7.80
N SER A 50 10.45 25.46 -7.74
CA SER A 50 10.33 26.62 -8.63
C SER A 50 11.43 27.64 -8.33
N MET A 51 11.72 27.86 -7.05
CA MET A 51 12.78 28.81 -6.69
C MET A 51 14.14 28.32 -7.17
N ALA A 52 14.42 27.02 -7.06
CA ALA A 52 15.72 26.50 -7.43
C ALA A 52 15.97 26.65 -8.93
N VAL A 53 14.93 26.44 -9.74
CA VAL A 53 15.08 26.61 -11.19
C VAL A 53 15.45 28.06 -11.52
N SER A 54 14.77 29.02 -10.89
CA SER A 54 15.05 30.42 -11.14
C SER A 54 16.41 30.85 -10.60
N ASP A 55 16.99 30.05 -9.70
CA ASP A 55 18.31 30.36 -9.11
C ASP A 55 19.47 29.84 -10.00
N VAL A 56 19.34 28.66 -10.61
CA VAL A 56 20.41 28.12 -11.45
C VAL A 56 20.49 28.87 -12.78
N LEU A 57 19.37 29.38 -13.28
CA LEU A 57 19.38 30.11 -14.54
C LEU A 57 20.19 31.39 -14.44
N VAL A 58 20.13 32.07 -13.29
CA VAL A 58 20.89 33.30 -13.10
C VAL A 58 22.38 33.02 -13.12
N ALA A 59 22.82 31.94 -12.45
CA ALA A 59 24.24 31.66 -12.37
C ALA A 59 24.80 31.13 -13.70
N ALA A 60 23.95 30.60 -14.57
CA ALA A 60 24.39 30.00 -15.82
C ALA A 60 24.25 30.92 -17.02
N LEU A 61 23.14 31.66 -17.11
CA LEU A 61 22.85 32.46 -18.30
C LEU A 61 23.10 33.95 -18.11
N VAL A 62 23.08 34.45 -16.88
CA VAL A 62 23.19 35.88 -16.62
C VAL A 62 24.54 36.26 -16.04
N MET A 63 24.98 35.57 -14.98
CA MET A 63 26.25 35.91 -14.35
C MET A 63 27.45 35.77 -15.27
N PRO A 64 27.63 34.67 -16.03
CA PRO A 64 28.81 34.58 -16.90
C PRO A 64 28.86 35.66 -17.96
N LEU A 65 27.76 35.87 -18.70
CA LEU A 65 27.75 36.89 -19.74
C LEU A 65 27.98 38.28 -19.16
N SER A 66 27.34 38.58 -18.03
CA SER A 66 27.55 39.88 -17.39
C SER A 66 28.96 40.02 -16.86
N LEU A 67 29.63 38.91 -16.55
CA LEU A 67 31.00 38.99 -16.05
C LEU A 67 31.95 39.48 -17.14
N VAL A 68 31.69 39.09 -18.40
CA VAL A 68 32.51 39.55 -19.51
C VAL A 68 32.36 41.06 -19.71
N HIS A 69 31.22 41.62 -19.31
CA HIS A 69 30.98 43.04 -19.51
C HIS A 69 32.01 43.89 -18.78
N GLU A 70 32.33 43.54 -17.54
CA GLU A 70 33.39 44.22 -16.82
C GLU A 70 34.78 43.67 -17.15
N LEU A 71 34.86 42.50 -17.79
CA LEU A 71 36.15 41.99 -18.25
C LEU A 71 36.71 42.88 -19.36
N SER A 72 35.89 43.16 -20.38
CA SER A 72 36.28 44.16 -21.37
C SER A 72 36.38 45.54 -20.73
N GLY A 73 35.42 45.88 -19.89
CA GLY A 73 35.49 47.09 -19.08
C GLY A 73 34.41 48.11 -19.39
N ARG A 74 34.22 48.41 -20.67
CA ARG A 74 33.19 49.37 -21.05
C ARG A 74 32.43 49.03 -22.32
N ARG A 75 32.66 47.88 -22.94
CA ARG A 75 32.14 47.62 -24.28
C ARG A 75 31.44 46.27 -24.34
N TRP A 76 30.45 46.18 -25.23
CA TRP A 76 29.74 44.95 -25.54
C TRP A 76 29.96 44.67 -27.02
N GLN A 77 30.86 43.72 -27.32
CA GLN A 77 31.28 43.51 -28.70
C GLN A 77 30.16 42.91 -29.55
N LEU A 78 29.37 42.00 -28.97
CA LEU A 78 28.24 41.44 -29.70
C LEU A 78 27.19 42.52 -29.93
N GLY A 79 26.73 42.65 -31.17
CA GLY A 79 25.84 43.75 -31.51
C GLY A 79 24.44 43.65 -30.96
N ARG A 80 23.64 42.71 -31.47
CA ARG A 80 22.24 42.60 -31.11
C ARG A 80 21.86 41.26 -30.51
N ARG A 81 22.64 40.20 -30.74
CA ARG A 81 22.30 38.88 -30.22
C ARG A 81 22.53 38.76 -28.73
N LEU A 82 23.50 39.50 -28.17
CA LEU A 82 23.79 39.46 -26.74
C LEU A 82 23.49 40.79 -26.06
N CYS A 83 22.76 41.68 -26.73
CA CYS A 83 22.34 42.95 -26.14
C CYS A 83 20.82 43.10 -26.12
N GLN A 84 20.09 42.16 -26.71
CA GLN A 84 18.64 42.16 -26.69
C GLN A 84 18.04 41.01 -25.91
N LEU A 85 18.68 39.83 -25.94
CA LEU A 85 18.22 38.68 -25.16
C LEU A 85 18.87 38.61 -23.79
N TRP A 86 20.07 39.17 -23.64
CA TRP A 86 20.72 39.19 -22.34
C TRP A 86 19.93 39.99 -21.33
N ILE A 87 19.36 41.12 -21.75
CA ILE A 87 18.52 41.92 -20.86
C ILE A 87 17.24 41.17 -20.53
N ALA A 88 16.67 40.45 -21.51
CA ALA A 88 15.43 39.73 -21.28
C ALA A 88 15.60 38.65 -20.23
N CYS A 89 16.71 37.92 -20.26
CA CYS A 89 16.96 36.88 -19.27
C CYS A 89 17.32 37.47 -17.91
N ASP A 90 17.99 38.62 -17.87
CA ASP A 90 18.35 39.24 -16.59
C ASP A 90 17.10 39.66 -15.83
N VAL A 91 16.15 40.31 -16.51
CA VAL A 91 14.95 40.80 -15.83
C VAL A 91 14.03 39.64 -15.46
N LEU A 92 13.85 38.68 -16.38
CA LEU A 92 12.87 37.62 -16.17
C LEU A 92 13.25 36.74 -14.98
N CYS A 93 14.52 36.37 -14.87
CA CYS A 93 14.92 35.41 -13.84
C CYS A 93 14.99 36.07 -12.46
N CYS A 94 15.49 37.30 -12.38
CA CYS A 94 15.62 37.96 -11.09
C CYS A 94 14.25 38.31 -10.51
N THR A 95 13.31 38.72 -11.35
CA THR A 95 11.97 39.02 -10.88
C THR A 95 11.29 37.77 -10.32
N ALA A 96 11.46 36.63 -10.99
CA ALA A 96 10.86 35.39 -10.51
C ALA A 96 11.45 34.98 -9.16
N SER A 97 12.73 35.25 -8.93
CA SER A 97 13.32 34.94 -7.60
C SER A 97 12.56 35.71 -6.52
N ILE A 98 12.36 37.02 -6.71
CA ILE A 98 11.71 37.83 -5.68
C ILE A 98 10.29 37.32 -5.43
N TRP A 99 9.56 37.01 -6.50
CA TRP A 99 8.18 36.55 -6.36
C TRP A 99 8.08 35.11 -5.88
N ASN A 100 9.17 34.34 -5.90
CA ASN A 100 9.15 33.01 -5.32
C ASN A 100 9.27 33.05 -3.80
N VAL A 101 9.98 34.04 -3.26
CA VAL A 101 10.04 34.23 -1.82
C VAL A 101 8.66 34.63 -1.29
N THR A 102 7.97 35.51 -2.00
CA THR A 102 6.65 35.97 -1.55
C THR A 102 5.65 34.82 -1.53
N ALA A 103 5.68 33.94 -2.54
CA ALA A 103 4.76 32.82 -2.58
C ALA A 103 4.99 31.85 -1.43
N ILE A 104 6.23 31.73 -0.97
CA ILE A 104 6.52 30.87 0.18
C ILE A 104 5.95 31.48 1.46
N ALA A 105 6.12 32.79 1.63
CA ALA A 105 5.64 33.46 2.83
C ALA A 105 4.12 33.38 2.93
N LEU A 106 3.42 33.52 1.81
CA LEU A 106 1.96 33.45 1.83
C LEU A 106 1.48 32.06 2.22
N ASP A 107 2.17 31.01 1.76
CA ASP A 107 1.77 29.66 2.12
C ASP A 107 1.95 29.40 3.61
N ARG A 108 3.03 29.90 4.20
CA ARG A 108 3.23 29.77 5.64
C ARG A 108 2.18 30.55 6.41
N TYR A 109 1.81 31.73 5.91
CA TYR A 109 0.87 32.59 6.63
C TYR A 109 -0.50 31.93 6.74
N TRP A 110 -1.00 31.36 5.64
CA TRP A 110 -2.33 30.76 5.64
C TRP A 110 -2.36 29.43 6.38
N SER A 111 -1.21 28.77 6.56
CA SER A 111 -1.18 27.51 7.29
C SER A 111 -1.40 27.74 8.78
N ILE A 112 -0.94 28.86 9.32
CA ILE A 112 -1.09 29.15 10.74
C ILE A 112 -2.41 29.82 11.04
N THR A 113 -2.84 30.75 10.18
CA THR A 113 -4.08 31.47 10.42
C THR A 113 -5.31 30.59 10.17
N ARG A 114 -5.24 29.74 9.14
CA ARG A 114 -6.36 28.87 8.77
C ARG A 114 -5.85 27.45 8.66
N PRO A 115 -5.67 26.77 9.80
CA PRO A 115 -5.14 25.40 9.77
C PRO A 115 -6.20 24.37 9.39
N MET A 116 -7.46 24.65 9.74
CA MET A 116 -8.51 23.68 9.49
C MET A 116 -8.83 23.54 8.01
N GLU A 117 -8.86 24.65 7.29
CA GLU A 117 -9.31 24.67 5.90
C GLU A 117 -8.18 24.54 4.88
N TYR A 118 -7.06 25.23 5.10
CA TYR A 118 -5.98 25.30 4.11
C TYR A 118 -5.12 24.04 4.19
N THR A 119 -5.71 22.92 3.77
CA THR A 119 -5.04 21.63 3.77
C THR A 119 -5.47 20.82 2.56
N LEU A 120 -4.64 19.84 2.22
CA LEU A 120 -4.95 18.79 1.23
C LEU A 120 -5.15 19.44 -0.14
N ARG A 121 -6.28 19.21 -0.82
CA ARG A 121 -6.44 19.66 -2.20
C ARG A 121 -6.45 21.18 -2.30
N THR A 122 -7.06 21.87 -1.34
CA THR A 122 -7.10 23.32 -1.38
C THR A 122 -5.69 23.92 -1.33
N ARG A 123 -4.83 23.36 -0.49
CA ARG A 123 -3.44 23.82 -0.45
C ARG A 123 -2.72 23.53 -1.76
N LYS A 124 -2.98 22.36 -2.35
CA LYS A 124 -2.32 22.01 -3.61
C LYS A 124 -2.78 22.92 -4.75
N CYS A 125 -4.06 23.23 -4.81
CA CYS A 125 -4.58 24.07 -5.89
C CYS A 125 -4.03 25.49 -5.81
N VAL A 126 -4.01 26.06 -4.60
CA VAL A 126 -3.53 27.43 -4.43
C VAL A 126 -2.04 27.52 -4.69
N SER A 127 -1.28 26.52 -4.25
CA SER A 127 0.17 26.54 -4.42
C SER A 127 0.54 26.54 -5.90
N ASN A 128 -0.15 25.74 -6.71
CA ASN A 128 0.15 25.68 -8.14
C ASN A 128 -0.23 26.97 -8.85
N VAL A 129 -1.32 27.62 -8.41
CA VAL A 129 -1.74 28.87 -9.04
C VAL A 129 -0.69 29.96 -8.84
N MET A 130 -0.09 30.00 -7.64
CA MET A 130 0.93 31.00 -7.36
C MET A 130 2.16 30.83 -8.24
N ILE A 131 2.51 29.58 -8.57
CA ILE A 131 3.64 29.35 -9.48
C ILE A 131 3.31 29.86 -10.88
N ALA A 132 2.06 29.70 -11.31
CA ALA A 132 1.66 30.16 -12.63
C ALA A 132 1.80 31.67 -12.76
N LEU A 133 1.32 32.41 -11.76
CA LEU A 133 1.39 33.86 -11.81
C LEU A 133 2.78 34.40 -11.52
N THR A 134 3.68 33.56 -10.98
CA THR A 134 5.04 34.01 -10.72
C THR A 134 5.80 34.24 -12.03
N TRP A 135 5.67 33.33 -12.98
CA TRP A 135 6.36 33.45 -14.27
C TRP A 135 5.56 34.25 -15.28
N ALA A 136 4.24 34.22 -15.21
CA ALA A 136 3.42 34.99 -16.15
C ALA A 136 3.62 36.49 -15.95
N LEU A 137 3.68 36.94 -14.71
CA LEU A 137 3.88 38.36 -14.44
C LEU A 137 5.31 38.79 -14.77
N SER A 138 6.29 37.92 -14.53
CA SER A 138 7.67 38.29 -14.80
C SER A 138 7.94 38.45 -16.29
N ALA A 139 7.30 37.64 -17.13
CA ALA A 139 7.49 37.76 -18.57
C ALA A 139 6.91 39.06 -19.12
N VAL A 140 5.81 39.54 -18.53
CA VAL A 140 5.21 40.80 -18.98
C VAL A 140 6.17 41.96 -18.77
N ILE A 141 6.83 42.01 -17.61
CA ILE A 141 7.77 43.08 -17.33
C ILE A 141 8.98 42.99 -18.25
N SER A 142 9.49 41.78 -18.49
CA SER A 142 10.68 41.61 -19.31
C SER A 142 10.41 41.97 -20.78
N LEU A 143 9.24 41.60 -21.28
CA LEU A 143 8.91 41.78 -22.69
C LEU A 143 8.10 43.05 -22.95
N ALA A 144 7.90 43.89 -21.95
CA ALA A 144 7.14 45.13 -22.15
C ALA A 144 7.80 46.09 -23.13
N PRO A 145 9.10 46.42 -23.02
CA PRO A 145 9.66 47.42 -23.95
C PRO A 145 10.10 46.83 -25.29
N LEU A 146 10.43 45.54 -25.31
CA LEU A 146 10.96 44.94 -26.52
C LEU A 146 9.90 44.78 -27.61
N LEU A 147 8.64 44.55 -27.23
CA LEU A 147 7.59 44.27 -28.19
C LEU A 147 6.57 45.38 -28.36
N PHE A 148 6.41 46.25 -27.36
CA PHE A 148 5.40 47.31 -27.40
C PHE A 148 6.05 48.68 -27.43
N GLY A 149 7.10 48.83 -28.24
CA GLY A 149 7.78 50.10 -28.38
C GLY A 149 9.05 50.20 -27.54
N GLU A 159 30.32 51.48 -27.63
CA GLU A 159 29.37 50.38 -27.50
C GLU A 159 28.84 50.29 -26.08
N GLU A 160 27.52 50.49 -25.93
CA GLU A 160 26.87 50.46 -24.63
C GLU A 160 25.58 49.64 -24.74
N CYS A 161 25.37 48.74 -23.79
CA CYS A 161 24.16 47.94 -23.67
C CYS A 161 23.42 48.44 -22.44
N GLN A 162 22.57 49.45 -22.63
CA GLN A 162 21.88 50.12 -21.53
C GLN A 162 20.38 49.83 -21.61
N VAL A 163 19.77 49.66 -20.43
CA VAL A 163 18.34 49.40 -20.36
C VAL A 163 17.57 50.70 -20.56
N SER A 164 16.29 50.56 -20.89
CA SER A 164 15.44 51.72 -21.11
C SER A 164 15.35 52.57 -19.85
N ARG A 165 15.34 53.89 -20.04
CA ARG A 165 15.31 54.84 -18.94
C ARG A 165 14.09 55.76 -19.03
N GLU A 166 13.00 55.27 -19.62
CA GLU A 166 11.78 56.05 -19.67
C GLU A 166 11.23 56.28 -18.26
N PRO A 167 10.78 57.49 -17.94
CA PRO A 167 10.23 57.72 -16.59
C PRO A 167 9.03 56.86 -16.27
N SER A 168 8.20 56.52 -17.27
CA SER A 168 7.07 55.64 -17.02
C SER A 168 7.52 54.22 -16.75
N TYR A 169 8.50 53.72 -17.51
CA TYR A 169 8.98 52.37 -17.31
C TYR A 169 9.79 52.25 -16.01
N ALA A 170 10.42 53.34 -15.57
CA ALA A 170 11.21 53.30 -14.35
C ALA A 170 10.35 53.19 -13.10
N VAL A 171 9.04 53.38 -13.20
CA VAL A 171 8.13 53.25 -12.08
C VAL A 171 7.36 51.95 -12.11
N PHE A 172 6.80 51.60 -13.27
CA PHE A 172 6.03 50.37 -13.39
C PHE A 172 6.91 49.14 -13.18
N SER A 173 8.10 49.14 -13.78
CA SER A 173 8.98 47.98 -13.69
C SER A 173 9.67 47.85 -12.34
N THR A 174 9.77 48.95 -11.57
CA THR A 174 10.44 48.94 -10.29
C THR A 174 9.48 48.76 -9.11
N VAL A 175 8.38 49.53 -9.11
CA VAL A 175 7.41 49.40 -8.02
C VAL A 175 6.69 48.06 -8.11
N GLY A 176 6.40 47.60 -9.32
CA GLY A 176 5.65 46.38 -9.54
C GLY A 176 6.46 45.10 -9.51
N ALA A 177 7.75 45.18 -9.17
CA ALA A 177 8.57 43.97 -9.12
C ALA A 177 9.24 43.82 -7.75
N PHE A 178 9.51 44.94 -7.08
CA PHE A 178 10.15 44.89 -5.76
C PHE A 178 9.31 45.50 -4.66
N TYR A 179 8.78 46.71 -4.85
CA TYR A 179 8.17 47.43 -3.73
C TYR A 179 6.87 46.78 -3.29
N LEU A 180 6.05 46.32 -4.24
CA LEU A 180 4.83 45.60 -3.87
C LEU A 180 5.12 44.30 -3.14
N PRO A 181 6.02 43.42 -3.62
CA PRO A 181 6.32 42.20 -2.82
C PRO A 181 6.93 42.49 -1.47
N LEU A 182 7.68 43.58 -1.32
CA LEU A 182 8.31 43.88 -0.04
C LEU A 182 7.29 44.13 1.05
N CYS A 183 6.20 44.84 0.72
CA CYS A 183 5.17 45.11 1.70
C CYS A 183 4.48 43.84 2.17
N VAL A 184 4.24 42.90 1.25
CA VAL A 184 3.60 41.64 1.62
C VAL A 184 4.47 40.85 2.56
N VAL A 185 5.77 40.76 2.28
CA VAL A 185 6.67 39.95 3.10
C VAL A 185 6.80 40.53 4.50
N LEU A 186 6.94 41.86 4.59
CA LEU A 186 7.07 42.50 5.91
C LEU A 186 5.81 42.33 6.73
N PHE A 187 4.64 42.48 6.11
CA PHE A 187 3.38 42.37 6.84
C PHE A 187 3.14 40.93 7.31
N VAL A 188 3.44 39.95 6.46
CA VAL A 188 3.11 38.56 6.78
C VAL A 188 3.92 38.07 7.98
N TYR A 189 5.23 38.30 7.96
CA TYR A 189 6.07 37.81 9.06
C TYR A 189 5.88 38.60 10.34
N TRP A 190 5.30 39.81 10.25
CA TRP A 190 4.94 40.52 11.46
C TRP A 190 3.86 39.78 12.25
N LYS A 191 2.85 39.26 11.55
CA LYS A 191 1.79 38.51 12.21
C LYS A 191 2.27 37.14 12.69
N ILE A 192 3.19 36.52 11.93
CA ILE A 192 3.67 35.19 12.29
C ILE A 192 4.47 35.25 13.59
N TYR A 193 5.29 36.29 13.77
CA TYR A 193 6.06 36.42 15.00
C TYR A 193 5.15 36.61 16.20
N LYS A 194 4.06 37.35 16.03
CA LYS A 194 3.11 37.54 17.13
C LYS A 194 2.48 36.23 17.54
N ALA A 195 2.12 35.38 16.57
CA ALA A 195 1.48 34.11 16.88
C ALA A 195 2.44 33.19 17.63
N ALA A 196 3.71 33.18 17.24
CA ALA A 196 4.69 32.32 17.91
C ALA A 196 4.88 32.71 19.37
N LYS A 197 4.96 34.02 19.65
CA LYS A 197 5.15 34.49 21.01
C LYS A 197 3.88 34.39 21.84
N PHE A 198 2.71 34.51 21.21
CA PHE A 198 1.46 34.43 21.95
C PHE A 198 1.29 33.06 22.60
N ARG A 199 1.64 31.99 21.88
CA ARG A 199 1.59 30.65 22.44
C ARG A 199 2.76 30.35 23.36
N VAL A 200 3.80 31.19 23.36
CA VAL A 200 4.99 31.00 24.18
C VAL A 200 5.62 29.64 23.89
N GLU A 246 12.44 32.30 26.01
CA GLU A 246 12.83 31.04 26.63
C GLU A 246 13.19 30.00 25.57
N GLN A 247 14.40 30.12 25.01
CA GLN A 247 14.93 29.19 24.03
C GLN A 247 14.10 29.19 22.75
N LYS A 248 12.87 28.66 22.82
CA LYS A 248 12.00 28.62 21.65
C LYS A 248 11.65 30.03 21.19
N GLU A 249 11.34 30.92 22.13
CA GLU A 249 11.02 32.29 21.76
C GLU A 249 12.21 33.02 21.15
N GLN A 250 13.41 32.76 21.68
CA GLN A 250 14.62 33.39 21.15
C GLN A 250 14.87 32.96 19.71
N ARG A 251 14.68 31.68 19.40
CA ARG A 251 14.92 31.19 18.04
C ARG A 251 13.91 31.77 17.06
N ALA A 252 12.70 32.07 17.51
CA ALA A 252 11.69 32.63 16.61
C ALA A 252 12.10 33.99 16.09
N ALA A 253 12.64 34.85 16.95
CA ALA A 253 13.08 36.17 16.52
C ALA A 253 14.27 36.08 15.58
N LEU A 254 15.20 35.17 15.85
CA LEU A 254 16.39 35.06 15.01
C LEU A 254 16.05 34.60 13.60
N MET A 255 15.15 33.61 13.48
CA MET A 255 14.82 33.08 12.16
C MET A 255 14.14 34.12 11.29
N VAL A 256 13.21 34.90 11.86
CA VAL A 256 12.53 35.92 11.08
C VAL A 256 13.48 37.04 10.71
N GLY A 257 14.40 37.40 11.61
CA GLY A 257 15.34 38.47 11.32
C GLY A 257 16.28 38.13 10.18
N ILE A 258 16.76 36.88 10.13
CA ILE A 258 17.65 36.47 9.06
C ILE A 258 16.94 36.49 7.71
N LEU A 259 15.68 36.03 7.69
CA LEU A 259 14.91 36.02 6.45
C LEU A 259 14.75 37.43 5.88
N ILE A 260 14.34 38.38 6.72
CA ILE A 260 14.11 39.74 6.26
C ILE A 260 15.44 40.43 5.94
N GLY A 261 16.45 40.22 6.79
CA GLY A 261 17.69 40.96 6.63
C GLY A 261 18.40 40.71 5.31
N VAL A 262 18.45 39.44 4.89
CA VAL A 262 19.08 39.12 3.61
C VAL A 262 18.30 39.74 2.46
N PHE A 263 16.97 39.67 2.52
CA PHE A 263 16.14 40.29 1.49
C PHE A 263 16.31 41.80 1.46
N VAL A 264 16.37 42.42 2.63
CA VAL A 264 16.53 43.88 2.72
C VAL A 264 17.90 44.29 2.19
N LEU A 265 18.96 43.58 2.60
CA LEU A 265 20.31 44.03 2.31
C LEU A 265 20.66 43.87 0.83
N CYS A 266 20.21 42.79 0.21
CA CYS A 266 20.68 42.43 -1.12
C CYS A 266 19.93 43.12 -2.25
N TRP A 267 18.82 43.79 -1.98
CA TRP A 267 18.06 44.34 -3.09
C TRP A 267 17.71 45.81 -2.95
N ILE A 268 17.43 46.28 -1.73
CA ILE A 268 16.99 47.67 -1.56
C ILE A 268 18.02 48.68 -2.04
N PRO A 269 19.32 48.55 -1.77
CA PRO A 269 20.27 49.55 -2.29
C PRO A 269 20.24 49.70 -3.80
N PHE A 270 19.97 48.63 -4.55
CA PHE A 270 19.93 48.74 -6.00
C PHE A 270 18.66 49.43 -6.47
N PHE A 271 17.49 48.93 -6.05
CA PHE A 271 16.23 49.49 -6.50
C PHE A 271 15.98 50.89 -5.95
N LEU A 272 16.71 51.33 -4.94
CA LEU A 272 16.56 52.69 -4.44
C LEU A 272 17.15 53.70 -5.41
N THR A 273 18.35 53.42 -5.94
CA THR A 273 18.99 54.33 -6.86
C THR A 273 18.46 54.20 -8.29
N GLU A 274 17.75 53.12 -8.60
CA GLU A 274 17.18 52.96 -9.94
C GLU A 274 15.93 53.80 -10.15
N LEU A 275 15.30 54.25 -9.07
CA LEU A 275 14.09 55.06 -9.15
C LEU A 275 14.36 56.55 -8.97
N ILE A 276 15.29 56.92 -8.09
CA ILE A 276 15.56 58.34 -7.83
C ILE A 276 16.31 58.97 -8.99
N SER A 277 17.18 58.22 -9.67
CA SER A 277 18.02 58.80 -10.71
C SER A 277 17.23 59.39 -11.87
N PRO A 278 16.25 58.70 -12.47
CA PRO A 278 15.52 59.34 -13.58
C PRO A 278 14.58 60.43 -13.14
N LEU A 279 13.88 60.24 -12.02
CA LEU A 279 12.91 61.24 -11.56
C LEU A 279 13.58 62.57 -11.21
N CYS A 280 14.72 62.51 -10.52
CA CYS A 280 15.49 63.69 -10.15
C CYS A 280 16.90 63.54 -10.70
N SER A 281 17.32 64.50 -11.51
CA SER A 281 18.63 64.43 -12.17
C SER A 281 19.76 64.35 -11.16
N CYS A 282 20.44 63.21 -11.11
CA CYS A 282 21.56 63.01 -10.20
C CYS A 282 22.58 62.11 -10.87
N ASP A 283 23.84 62.26 -10.45
CA ASP A 283 24.95 61.49 -11.00
C ASP A 283 25.51 60.57 -9.92
N ILE A 284 25.66 59.29 -10.27
CA ILE A 284 26.20 58.28 -9.37
C ILE A 284 27.46 57.73 -10.03
N PRO A 285 28.59 57.67 -9.31
CA PRO A 285 29.80 57.10 -9.90
C PRO A 285 29.61 55.63 -10.26
N ALA A 286 30.32 55.20 -11.30
CA ALA A 286 30.21 53.82 -11.76
C ALA A 286 30.78 52.83 -10.77
N ILE A 287 31.56 53.29 -9.79
CA ILE A 287 32.11 52.38 -8.79
C ILE A 287 31.02 51.85 -7.87
N TRP A 288 30.09 52.72 -7.46
CA TRP A 288 29.01 52.30 -6.55
C TRP A 288 28.07 51.31 -7.22
N LYS A 289 27.75 51.55 -8.50
CA LYS A 289 26.84 50.65 -9.21
C LYS A 289 27.44 49.26 -9.41
N SER A 290 28.75 49.11 -9.25
CA SER A 290 29.36 47.78 -9.36
C SER A 290 29.01 46.92 -8.16
N ILE A 291 29.12 47.47 -6.95
CA ILE A 291 28.76 46.71 -5.76
C ILE A 291 27.25 46.51 -5.69
N PHE A 292 26.48 47.53 -6.08
CA PHE A 292 25.03 47.41 -6.02
C PHE A 292 24.51 46.30 -6.93
N LEU A 293 25.10 46.18 -8.13
CA LEU A 293 24.64 45.17 -9.08
C LEU A 293 24.89 43.77 -8.57
N TRP A 294 26.06 43.52 -7.99
CA TRP A 294 26.42 42.16 -7.57
C TRP A 294 25.77 41.76 -6.25
N LEU A 295 25.27 42.72 -5.47
CA LEU A 295 24.54 42.35 -4.27
C LEU A 295 23.26 41.60 -4.60
N GLY A 296 22.53 42.06 -5.63
CA GLY A 296 21.31 41.37 -6.01
C GLY A 296 21.57 39.98 -6.57
N TYR A 297 22.64 39.84 -7.35
CA TYR A 297 23.00 38.52 -7.86
C TYR A 297 23.38 37.57 -6.73
N SER A 298 24.07 38.08 -5.71
CA SER A 298 24.51 37.24 -4.60
C SER A 298 23.35 36.72 -3.76
N ASN A 299 22.17 37.34 -3.86
CA ASN A 299 21.02 36.87 -3.12
C ASN A 299 20.60 35.45 -3.52
N SER A 300 20.96 35.01 -4.73
CA SER A 300 20.56 33.66 -5.24
C SER A 300 21.50 32.62 -4.67
N PHE A 301 22.50 33.05 -3.92
CA PHE A 301 23.35 32.11 -3.20
C PHE A 301 22.84 31.85 -1.79
N PHE A 302 22.27 32.88 -1.14
CA PHE A 302 21.75 32.72 0.21
C PHE A 302 20.41 32.00 0.23
N ASN A 303 19.64 32.07 -0.85
CA ASN A 303 18.31 31.45 -0.88
C ASN A 303 18.36 29.95 -0.61
N PRO A 304 19.23 29.15 -1.25
CA PRO A 304 19.30 27.73 -0.89
C PRO A 304 19.94 27.49 0.47
N LEU A 305 20.60 28.51 1.05
CA LEU A 305 21.24 28.36 2.34
C LEU A 305 20.26 28.51 3.51
N ILE A 306 19.06 29.03 3.27
CA ILE A 306 18.09 29.28 4.32
C ILE A 306 16.92 28.31 4.23
N TYR A 307 16.33 28.18 3.04
CA TYR A 307 15.13 27.36 2.89
C TYR A 307 15.43 25.87 2.80
N THR A 308 16.69 25.47 2.66
CA THR A 308 17.02 24.07 2.57
C THR A 308 18.08 23.62 3.58
N ALA A 309 19.07 24.46 3.86
CA ALA A 309 20.16 24.04 4.73
C ALA A 309 19.72 23.94 6.19
N PHE A 310 18.85 24.84 6.63
CA PHE A 310 18.42 24.90 8.01
C PHE A 310 17.05 24.26 8.23
N ASN A 311 16.72 23.22 7.47
CA ASN A 311 15.41 22.58 7.56
C ASN A 311 15.43 21.28 8.36
N LYS A 312 16.60 20.71 8.61
CA LYS A 312 16.80 19.46 9.34
C LYS A 312 16.22 18.25 8.62
N ASN A 313 15.61 18.42 7.45
CA ASN A 313 15.14 17.32 6.64
C ASN A 313 15.90 17.16 5.32
N TYR A 314 16.36 18.27 4.74
CA TYR A 314 17.21 18.19 3.57
C TYR A 314 18.58 17.61 3.92
N ASN A 315 19.05 17.85 5.15
CA ASN A 315 20.32 17.28 5.58
C ASN A 315 20.25 15.76 5.66
N SER A 316 19.13 15.23 6.14
CA SER A 316 18.99 13.79 6.28
C SER A 316 19.06 13.09 4.93
N ALA A 317 18.41 13.66 3.91
CA ALA A 317 18.44 13.08 2.58
C ALA A 317 19.77 13.29 1.87
N PHE A 318 20.63 14.17 2.38
CA PHE A 318 21.93 14.43 1.77
C PHE A 318 22.88 13.25 1.98
N LEU B 2 -1.29 -6.95 -28.07
CA LEU B 2 -2.23 -7.49 -27.10
C LEU B 2 -3.47 -8.03 -27.78
N SER B 3 -4.02 -9.12 -27.24
CA SER B 3 -5.20 -9.74 -27.80
C SER B 3 -6.46 -8.99 -27.37
N ALA B 4 -7.59 -9.39 -27.96
CA ALA B 4 -8.86 -8.75 -27.64
C ALA B 4 -9.23 -8.94 -26.18
N GLU B 5 -9.04 -10.16 -25.66
CA GLU B 5 -9.32 -10.41 -24.25
C GLU B 5 -8.32 -9.72 -23.34
N ASP B 6 -7.09 -9.53 -23.80
CA ASP B 6 -6.09 -8.84 -22.99
C ASP B 6 -6.39 -7.35 -22.89
N LYS B 7 -6.93 -6.75 -23.95
CA LYS B 7 -7.30 -5.34 -23.90
C LYS B 7 -8.44 -5.10 -22.91
N ALA B 8 -9.40 -6.02 -22.86
CA ALA B 8 -10.53 -5.88 -21.94
C ALA B 8 -10.10 -6.02 -20.49
N ALA B 9 -9.08 -6.85 -20.22
CA ALA B 9 -8.59 -7.02 -18.86
C ALA B 9 -7.97 -5.73 -18.32
N VAL B 10 -7.24 -5.01 -19.18
CA VAL B 10 -6.61 -3.76 -18.74
C VAL B 10 -7.67 -2.71 -18.40
N GLU B 11 -8.77 -2.70 -19.16
CA GLU B 11 -9.84 -1.74 -18.88
C GLU B 11 -10.47 -1.98 -17.52
N ARG B 12 -10.68 -3.25 -17.15
CA ARG B 12 -11.23 -3.56 -15.83
C ARG B 12 -10.26 -3.13 -14.72
N SER B 13 -8.96 -3.30 -14.95
CA SER B 13 -7.98 -2.94 -13.93
C SER B 13 -7.97 -1.44 -13.67
N LYS B 14 -8.21 -0.62 -14.69
CA LYS B 14 -8.19 0.83 -14.52
C LYS B 14 -9.44 1.34 -13.79
N MET B 15 -10.57 0.65 -13.94
CA MET B 15 -11.76 1.03 -13.18
C MET B 15 -11.57 0.77 -11.69
N ILE B 16 -10.79 -0.26 -11.34
CA ILE B 16 -10.50 -0.52 -9.93
C ILE B 16 -9.63 0.59 -9.35
N GLU B 17 -8.69 1.09 -10.14
CA GLU B 17 -7.84 2.19 -9.68
C GLU B 17 -8.65 3.45 -9.40
N LYS B 18 -9.67 3.72 -10.22
CA LYS B 18 -10.51 4.90 -10.02
C LYS B 18 -11.25 4.82 -8.69
N ASN B 19 -11.78 3.64 -8.35
CA ASN B 19 -12.49 3.50 -7.08
C ASN B 19 -11.54 3.56 -5.89
N LEU B 20 -10.34 2.97 -6.03
CA LEU B 20 -9.36 3.03 -4.97
C LEU B 20 -8.92 4.46 -4.69
N LYS B 21 -8.70 5.24 -5.74
CA LYS B 21 -8.29 6.63 -5.57
C LYS B 21 -9.40 7.44 -4.89
N GLU B 22 -10.65 7.19 -5.28
CA GLU B 22 -11.77 7.93 -4.68
C GLU B 22 -11.92 7.61 -3.20
N ASP B 23 -11.71 6.35 -2.83
CA ASP B 23 -11.85 5.96 -1.43
C ASP B 23 -10.77 6.59 -0.55
N GLY B 24 -9.58 6.81 -1.09
CA GLY B 24 -8.52 7.44 -0.31
C GLY B 24 -8.83 8.89 0.03
N ILE B 25 -9.43 9.62 -0.91
CA ILE B 25 -9.74 11.02 -0.66
C ILE B 25 -10.77 11.16 0.45
N SER B 26 -11.82 10.33 0.43
CA SER B 26 -12.87 10.42 1.43
C SER B 26 -12.35 10.06 2.82
N ALA B 27 -11.42 9.13 2.92
CA ALA B 27 -10.88 8.69 4.20
C ALA B 27 -9.79 9.60 4.74
N ALA B 28 -9.27 10.51 3.93
CA ALA B 28 -8.21 11.41 4.40
C ALA B 28 -8.75 12.58 5.21
N LYS B 29 -10.04 12.88 5.13
CA LYS B 29 -10.63 13.97 5.90
C LYS B 29 -11.21 13.46 7.22
N ASP B 30 -10.39 12.72 7.97
CA ASP B 30 -10.78 12.18 9.26
C ASP B 30 -9.70 12.50 10.29
N VAL B 31 -10.11 12.55 11.54
CA VAL B 31 -9.20 12.75 12.67
C VAL B 31 -9.23 11.48 13.50
N LYS B 32 -8.06 10.88 13.70
CA LYS B 32 -7.94 9.61 14.41
C LYS B 32 -7.45 9.84 15.83
N LEU B 33 -8.14 9.27 16.79
CA LEU B 33 -7.81 9.41 18.21
C LEU B 33 -7.78 8.04 18.86
N LEU B 34 -6.88 7.89 19.84
CA LEU B 34 -6.73 6.66 20.59
C LEU B 34 -7.17 6.88 22.03
N LEU B 35 -8.07 6.02 22.52
CA LEU B 35 -8.62 6.14 23.85
C LEU B 35 -7.95 5.13 24.78
N LEU B 36 -7.40 5.62 25.89
CA LEU B 36 -6.70 4.78 26.85
C LEU B 36 -7.17 5.12 28.26
N GLY B 37 -7.02 4.17 29.15
CA GLY B 37 -7.39 4.34 30.53
C GLY B 37 -7.69 3.01 31.19
N ALA B 38 -7.75 3.04 32.52
CA ALA B 38 -8.04 1.84 33.30
C ALA B 38 -9.54 1.53 33.25
N ASP B 39 -9.88 0.34 33.74
CA ASP B 39 -11.27 -0.08 33.76
C ASP B 39 -12.09 0.81 34.70
N ASN B 40 -13.34 1.07 34.30
CA ASN B 40 -14.27 1.89 35.07
C ASN B 40 -13.70 3.29 35.33
N SER B 41 -13.46 4.01 34.23
CA SER B 41 -12.94 5.37 34.30
C SER B 41 -13.71 6.32 33.38
N GLY B 42 -14.94 5.98 33.04
CA GLY B 42 -15.74 6.82 32.17
C GLY B 42 -15.23 6.91 30.74
N LYS B 43 -14.64 5.84 30.22
CA LYS B 43 -14.19 5.84 28.83
C LYS B 43 -15.36 5.78 27.87
N SER B 44 -16.43 5.06 28.24
CA SER B 44 -17.57 4.87 27.37
C SER B 44 -18.58 6.00 27.45
N THR B 45 -18.36 7.00 28.30
CA THR B 45 -19.27 8.13 28.44
C THR B 45 -18.51 9.45 28.36
N ILE B 46 -17.42 9.49 27.59
CA ILE B 46 -16.63 10.72 27.49
C ILE B 46 -17.39 11.78 26.71
N VAL B 47 -18.07 11.40 25.64
CA VAL B 47 -18.86 12.31 24.81
C VAL B 47 -20.27 11.76 24.71
N LYS B 48 -21.25 12.63 24.97
CA LYS B 48 -22.65 12.17 25.02
C LYS B 48 -23.16 11.78 23.64
N GLN B 49 -22.68 12.42 22.58
CA GLN B 49 -23.18 12.18 21.23
C GLN B 49 -22.40 11.11 20.48
N MET B 50 -21.78 10.17 21.18
CA MET B 50 -21.04 9.10 20.55
C MET B 50 -21.98 8.04 19.98
N LYS B 51 -21.59 7.46 18.86
CA LYS B 51 -22.35 6.39 18.20
C LYS B 51 -21.40 5.23 17.92
N ILE B 52 -21.83 4.02 18.28
CA ILE B 52 -21.02 2.82 18.06
C ILE B 52 -21.15 2.39 16.61
N ILE B 53 -20.01 2.18 15.96
CA ILE B 53 -20.00 1.74 14.57
C ILE B 53 -19.48 0.31 14.48
N THR B 64 -14.55 -9.50 23.66
CA THR B 64 -14.57 -8.46 22.65
C THR B 64 -13.15 -8.13 22.18
N GLY B 65 -13.06 -7.49 21.01
CA GLY B 65 -11.77 -7.11 20.45
C GLY B 65 -11.51 -5.62 20.53
N ILE B 66 -11.71 -4.93 19.41
CA ILE B 66 -11.54 -3.48 19.35
C ILE B 66 -12.91 -2.86 19.09
N VAL B 67 -13.17 -1.74 19.76
CA VAL B 67 -14.44 -1.02 19.66
C VAL B 67 -14.19 0.35 19.05
N GLU B 68 -14.95 0.69 18.02
CA GLU B 68 -14.81 1.95 17.32
C GLU B 68 -16.06 2.81 17.52
N THR B 69 -15.86 4.12 17.62
CA THR B 69 -16.94 5.05 17.85
C THR B 69 -16.61 6.36 17.15
N HIS B 70 -17.60 6.96 16.50
CA HIS B 70 -17.41 8.17 15.72
C HIS B 70 -18.47 9.20 16.04
N PHE B 71 -18.12 10.46 15.85
CA PHE B 71 -19.05 11.57 15.98
C PHE B 71 -18.52 12.74 15.17
N THR B 72 -19.39 13.70 14.88
CA THR B 72 -19.02 14.87 14.10
C THR B 72 -19.29 16.14 14.89
N PHE B 73 -18.37 17.09 14.78
CA PHE B 73 -18.50 18.41 15.40
C PHE B 73 -18.09 19.46 14.39
N LYS B 74 -18.83 20.57 14.36
CA LYS B 74 -18.66 21.61 13.37
C LYS B 74 -18.74 21.02 11.96
N ASN B 75 -17.60 20.86 11.30
CA ASN B 75 -17.53 20.25 9.98
C ASN B 75 -16.41 19.22 9.91
N LEU B 76 -16.07 18.60 11.05
CA LEU B 76 -14.99 17.64 11.12
C LEU B 76 -15.52 16.30 11.62
N HIS B 77 -14.90 15.23 11.14
CA HIS B 77 -15.25 13.87 11.52
C HIS B 77 -14.20 13.31 12.48
N PHE B 78 -14.66 12.74 13.58
CA PHE B 78 -13.79 12.18 14.60
C PHE B 78 -14.04 10.68 14.72
N ARG B 79 -12.96 9.92 14.85
CA ARG B 79 -13.02 8.47 15.07
C ARG B 79 -12.23 8.13 16.31
N LEU B 80 -12.83 7.30 17.18
CA LEU B 80 -12.24 6.93 18.46
C LEU B 80 -12.07 5.42 18.53
N PHE B 81 -10.94 4.98 19.06
CA PHE B 81 -10.61 3.57 19.20
C PHE B 81 -10.35 3.25 20.66
N ASP B 82 -10.97 2.19 21.15
CA ASP B 82 -10.87 1.79 22.55
C ASP B 82 -10.27 0.38 22.56
N VAL B 83 -8.96 0.30 22.78
CA VAL B 83 -8.28 -1.00 22.88
C VAL B 83 -8.34 -1.42 24.35
N GLY B 84 -9.45 -2.05 24.71
CA GLY B 84 -9.66 -2.48 26.08
C GLY B 84 -9.83 -3.97 26.21
N GLY B 85 -10.37 -4.61 25.17
CA GLY B 85 -10.56 -6.04 25.16
C GLY B 85 -9.34 -6.87 24.80
N GLN B 86 -8.23 -6.22 24.49
CA GLN B 86 -7.00 -6.92 24.13
C GLN B 86 -6.16 -7.10 25.39
N ARG B 87 -6.38 -8.23 26.07
CA ARG B 87 -5.63 -8.56 27.28
C ARG B 87 -4.37 -9.37 26.96
N SER B 88 -3.56 -8.84 26.04
CA SER B 88 -2.35 -9.51 25.60
C SER B 88 -1.15 -8.58 25.67
N GLU B 89 -0.02 -9.00 25.10
CA GLU B 89 1.17 -8.15 25.09
C GLU B 89 0.91 -6.92 24.24
N ARG B 90 0.99 -5.74 24.88
CA ARG B 90 0.66 -4.49 24.19
C ARG B 90 1.70 -4.14 23.13
N LYS B 91 2.96 -4.52 23.35
CA LYS B 91 4.03 -4.13 22.45
C LYS B 91 3.97 -4.81 21.09
N LYS B 92 3.12 -5.83 20.93
CA LYS B 92 3.04 -6.56 19.68
C LYS B 92 2.00 -6.00 18.71
N TRP B 93 1.17 -5.05 19.16
CA TRP B 93 0.18 -4.45 18.25
C TRP B 93 0.04 -2.95 18.45
N ILE B 94 0.90 -2.31 19.25
CA ILE B 94 0.75 -0.88 19.51
C ILE B 94 1.24 -0.04 18.34
N HIS B 95 2.05 -0.60 17.43
CA HIS B 95 2.56 0.17 16.31
C HIS B 95 1.51 0.40 15.23
N CYS B 96 0.35 -0.25 15.32
CA CYS B 96 -0.71 -0.01 14.35
C CYS B 96 -1.23 1.42 14.45
N PHE B 97 -1.38 1.93 15.66
CA PHE B 97 -1.90 3.29 15.87
C PHE B 97 -0.77 4.30 15.96
N GLU B 98 0.11 4.31 14.96
CA GLU B 98 1.25 5.21 14.95
C GLU B 98 0.94 6.54 14.26
N ASP B 99 -0.10 6.60 13.43
CA ASP B 99 -0.44 7.80 12.68
C ASP B 99 -1.56 8.60 13.32
N VAL B 100 -1.94 8.27 14.56
CA VAL B 100 -3.04 8.98 15.21
C VAL B 100 -2.62 10.40 15.54
N THR B 101 -3.60 11.30 15.61
CA THR B 101 -3.30 12.70 15.88
C THR B 101 -2.94 12.92 17.34
N ALA B 102 -3.67 12.29 18.27
CA ALA B 102 -3.44 12.50 19.69
C ALA B 102 -3.96 11.30 20.46
N ILE B 103 -3.70 11.30 21.76
CA ILE B 103 -4.07 10.22 22.67
C ILE B 103 -4.89 10.81 23.80
N ILE B 104 -5.98 10.13 24.16
CA ILE B 104 -6.84 10.54 25.26
C ILE B 104 -6.67 9.54 26.40
N PHE B 105 -6.37 10.06 27.59
CA PHE B 105 -6.17 9.24 28.78
C PHE B 105 -7.16 9.67 29.85
N CYS B 106 -7.89 8.70 30.41
CA CYS B 106 -8.89 8.95 31.43
C CYS B 106 -8.39 8.46 32.79
N VAL B 107 -8.58 9.28 33.81
CA VAL B 107 -8.11 8.99 35.17
C VAL B 107 -9.27 9.21 36.12
N ASP B 108 -9.49 8.26 37.03
CA ASP B 108 -10.54 8.32 38.03
C ASP B 108 -9.98 8.89 39.31
N LEU B 109 -10.54 10.02 39.77
CA LEU B 109 -10.03 10.69 40.96
C LEU B 109 -10.56 10.09 42.26
N SER B 110 -11.61 9.26 42.19
CA SER B 110 -12.23 8.71 43.39
C SER B 110 -11.90 7.24 43.61
N ASP B 111 -10.95 6.69 42.87
CA ASP B 111 -10.59 5.28 42.97
C ASP B 111 -9.11 5.20 43.38
N TYR B 112 -8.87 5.00 44.67
CA TYR B 112 -7.50 4.97 45.18
C TYR B 112 -6.77 3.69 44.77
N ASN B 113 -7.49 2.57 44.63
CA ASN B 113 -6.84 1.33 44.26
C ASN B 113 -6.27 1.40 42.84
N ARG B 114 -6.99 2.03 41.92
CA ARG B 114 -6.50 2.16 40.55
C ARG B 114 -5.31 3.11 40.46
N MET B 115 -5.08 3.93 41.48
CA MET B 115 -3.87 4.75 41.50
C MET B 115 -2.64 3.86 41.66
N HIS B 116 -1.50 4.39 41.21
CA HIS B 116 -0.22 3.67 41.15
C HIS B 116 -0.28 2.56 40.10
N GLU B 117 -1.44 2.37 39.49
CA GLU B 117 -1.61 1.55 38.30
C GLU B 117 -1.84 2.36 37.05
N SER B 118 -2.64 3.42 37.16
CA SER B 118 -2.78 4.36 36.04
C SER B 118 -1.49 5.11 35.80
N LEU B 119 -0.74 5.42 36.86
CA LEU B 119 0.55 6.07 36.71
C LEU B 119 1.54 5.18 35.96
N MET B 120 1.53 3.88 36.26
CA MET B 120 2.42 2.96 35.55
C MET B 120 2.07 2.88 34.06
N LEU B 121 0.78 2.85 33.74
CA LEU B 121 0.37 2.80 32.34
C LEU B 121 0.70 4.11 31.62
N PHE B 122 0.56 5.24 32.32
CA PHE B 122 0.88 6.53 31.72
C PHE B 122 2.37 6.62 31.37
N ASP B 123 3.23 6.08 32.23
CA ASP B 123 4.67 6.16 31.99
C ASP B 123 5.07 5.37 30.74
N SER B 124 4.49 4.19 30.55
CA SER B 124 4.86 3.36 29.40
C SER B 124 4.41 3.99 28.09
N ILE B 125 3.19 4.54 28.05
CA ILE B 125 2.68 5.13 26.82
C ILE B 125 3.42 6.41 26.48
N CYS B 126 3.66 7.27 27.47
CA CYS B 126 4.33 8.53 27.24
C CYS B 126 5.80 8.37 26.83
N ASN B 127 6.38 7.20 27.09
CA ASN B 127 7.79 6.98 26.80
C ASN B 127 8.00 5.79 25.87
N ASN B 128 7.19 5.71 24.82
CA ASN B 128 7.28 4.63 23.84
C ASN B 128 7.94 5.15 22.57
N LYS B 129 8.63 4.25 21.87
CA LYS B 129 9.38 4.64 20.69
C LYS B 129 8.46 5.17 19.59
N PHE B 130 7.30 4.56 19.42
CA PHE B 130 6.37 4.96 18.37
C PHE B 130 5.56 6.20 18.72
N PHE B 131 5.61 6.66 19.97
CA PHE B 131 4.85 7.82 20.42
C PHE B 131 5.76 8.90 21.00
N ILE B 132 6.87 9.16 20.31
CA ILE B 132 7.83 10.16 20.79
C ILE B 132 7.24 11.56 20.66
N ASP B 133 6.56 11.84 19.55
CA ASP B 133 6.08 13.19 19.28
C ASP B 133 4.56 13.23 19.13
N THR B 134 3.83 12.58 20.03
CA THR B 134 2.38 12.55 20.01
C THR B 134 1.85 13.25 21.26
N SER B 135 0.96 14.21 21.07
CA SER B 135 0.38 14.95 22.19
C SER B 135 -0.68 14.11 22.90
N ILE B 136 -0.93 14.47 24.16
CA ILE B 136 -1.83 13.72 25.02
C ILE B 136 -2.85 14.69 25.62
N ILE B 137 -4.12 14.29 25.61
CA ILE B 137 -5.19 15.02 26.27
C ILE B 137 -5.59 14.21 27.50
N LEU B 138 -5.58 14.85 28.66
CA LEU B 138 -5.79 14.18 29.93
C LEU B 138 -7.11 14.62 30.55
N PHE B 139 -7.93 13.64 30.93
CA PHE B 139 -9.24 13.88 31.54
C PHE B 139 -9.24 13.32 32.96
N LEU B 140 -9.60 14.15 33.92
CA LEU B 140 -9.76 13.74 35.32
C LEU B 140 -11.25 13.71 35.64
N ASN B 141 -11.78 12.51 35.85
CA ASN B 141 -13.21 12.31 36.00
C ASN B 141 -13.60 12.26 37.48
N LYS B 142 -14.92 12.28 37.70
CA LYS B 142 -15.50 12.27 39.05
C LYS B 142 -14.92 13.40 39.91
N LYS B 143 -15.17 14.63 39.46
CA LYS B 143 -14.70 15.79 40.18
C LYS B 143 -15.49 15.99 41.47
N ASP B 144 -16.81 15.82 41.42
CA ASP B 144 -17.64 16.02 42.60
C ASP B 144 -17.54 14.88 43.60
N LEU B 145 -17.39 13.64 43.11
CA LEU B 145 -17.25 12.50 44.02
C LEU B 145 -15.96 12.59 44.80
N PHE B 146 -14.88 13.05 44.17
CA PHE B 146 -13.60 13.16 44.86
C PHE B 146 -13.65 14.17 46.00
N GLY B 147 -14.35 15.30 45.79
CA GLY B 147 -14.42 16.31 46.84
C GLY B 147 -15.15 15.83 48.07
N GLU B 148 -16.24 15.09 47.89
CA GLU B 148 -17.00 14.59 49.03
C GLU B 148 -16.25 13.48 49.75
N LYS B 149 -15.52 12.64 49.00
CA LYS B 149 -14.84 11.50 49.59
C LYS B 149 -13.58 11.90 50.34
N ILE B 150 -12.95 13.02 49.96
CA ILE B 150 -11.70 13.43 50.60
C ILE B 150 -11.90 13.82 52.05
N LYS B 151 -13.14 14.07 52.49
CA LYS B 151 -13.37 14.45 53.88
C LYS B 151 -12.97 13.33 54.84
N LYS B 152 -13.31 12.08 54.50
CA LYS B 152 -12.97 10.97 55.37
C LYS B 152 -11.52 10.54 55.18
N SER B 153 -11.08 10.40 53.93
CA SER B 153 -9.72 9.97 53.62
C SER B 153 -8.90 11.16 53.13
N PRO B 154 -7.90 11.62 53.90
CA PRO B 154 -7.11 12.80 53.50
C PRO B 154 -5.96 12.49 52.54
N LEU B 155 -6.25 11.67 51.52
CA LEU B 155 -5.32 11.41 50.43
C LEU B 155 -4.03 10.73 50.88
N THR B 156 -3.93 10.39 52.17
CA THR B 156 -2.71 9.77 52.68
C THR B 156 -2.63 8.28 52.39
N ILE B 157 -3.75 7.65 52.03
CA ILE B 157 -3.73 6.23 51.73
C ILE B 157 -2.96 5.96 50.44
N CYS B 158 -3.18 6.79 49.42
CA CYS B 158 -2.52 6.56 48.13
C CYS B 158 -1.11 7.12 48.12
N PHE B 159 -0.94 8.38 48.54
CA PHE B 159 0.36 9.03 48.52
C PHE B 159 0.86 9.22 49.94
N PRO B 160 1.81 8.40 50.41
CA PRO B 160 2.34 8.59 51.78
C PRO B 160 3.01 9.94 51.99
N GLU B 161 3.66 10.49 50.97
CA GLU B 161 4.40 11.75 51.09
C GLU B 161 3.56 12.87 50.50
N TYR B 162 2.74 13.49 51.34
CA TYR B 162 1.93 14.64 50.92
C TYR B 162 1.54 15.43 52.15
N THR B 163 1.74 16.75 52.09
CA THR B 163 1.37 17.65 53.17
C THR B 163 0.61 18.85 52.60
N GLY B 164 -0.34 19.36 53.39
CA GLY B 164 -1.12 20.50 52.98
C GLY B 164 -2.58 20.35 53.34
N PRO B 165 -3.27 21.48 53.55
CA PRO B 165 -4.70 21.41 53.87
C PRO B 165 -5.52 21.02 52.66
N ASN B 166 -5.98 19.77 52.64
CA ASN B 166 -6.58 19.16 51.45
C ASN B 166 -8.09 19.21 51.56
N THR B 167 -8.67 20.32 51.10
CA THR B 167 -10.13 20.41 51.02
C THR B 167 -10.62 20.05 49.62
N TYR B 168 -10.26 20.85 48.61
CA TYR B 168 -10.55 20.50 47.24
C TYR B 168 -9.39 20.71 46.29
N GLU B 169 -8.62 21.78 46.51
CA GLU B 169 -7.75 22.31 45.46
C GLU B 169 -6.35 21.72 45.47
N ASP B 170 -5.66 21.79 46.61
CA ASP B 170 -4.27 21.33 46.65
C ASP B 170 -4.16 19.83 46.37
N ALA B 171 -5.13 19.05 46.86
CA ALA B 171 -5.14 17.62 46.58
C ALA B 171 -5.31 17.36 45.08
N ALA B 172 -6.22 18.10 44.43
CA ALA B 172 -6.40 17.92 43.00
C ALA B 172 -5.20 18.42 42.21
N ALA B 173 -4.57 19.51 42.65
CA ALA B 173 -3.39 20.01 41.97
C ALA B 173 -2.17 19.12 42.17
N TYR B 174 -2.16 18.31 43.24
CA TYR B 174 -1.05 17.39 43.47
C TYR B 174 -1.09 16.21 42.50
N ILE B 175 -2.29 15.67 42.25
CA ILE B 175 -2.43 14.54 41.35
C ILE B 175 -2.03 14.93 39.93
N GLN B 176 -2.46 16.10 39.48
CA GLN B 176 -2.12 16.55 38.13
C GLN B 176 -0.61 16.70 37.95
N ALA B 177 0.07 17.25 38.95
CA ALA B 177 1.52 17.40 38.86
C ALA B 177 2.23 16.05 38.86
N GLN B 178 1.65 15.04 39.52
CA GLN B 178 2.24 13.71 39.50
C GLN B 178 2.20 13.10 38.11
N PHE B 179 1.10 13.30 37.38
CA PHE B 179 1.00 12.76 36.03
C PHE B 179 1.89 13.51 35.05
N GLU B 180 1.92 14.83 35.14
CA GLU B 180 2.66 15.66 34.19
C GLU B 180 4.18 15.52 34.35
N SER B 181 4.65 14.94 35.44
CA SER B 181 6.08 14.78 35.66
C SER B 181 6.70 13.68 34.80
N LYS B 182 5.88 12.85 34.15
CA LYS B 182 6.39 11.76 33.33
C LYS B 182 6.79 12.19 31.93
N ASN B 183 6.41 13.40 31.51
CA ASN B 183 6.79 13.88 30.19
C ASN B 183 8.28 14.20 30.15
N ARG B 184 8.95 13.73 29.09
CA ARG B 184 10.39 13.94 28.95
C ARG B 184 10.76 14.30 27.52
N SER B 185 9.81 14.84 26.74
CA SER B 185 10.08 15.19 25.36
C SER B 185 9.85 16.68 25.13
N PRO B 186 10.74 17.35 24.38
CA PRO B 186 10.51 18.78 24.10
C PRO B 186 9.40 19.04 23.11
N ASN B 187 9.18 18.13 22.16
CA ASN B 187 8.16 18.30 21.13
C ASN B 187 6.84 17.64 21.50
N LYS B 188 6.54 17.53 22.79
CA LYS B 188 5.32 16.91 23.26
C LYS B 188 4.63 17.82 24.27
N GLU B 189 3.30 17.80 24.26
CA GLU B 189 2.51 18.64 25.15
C GLU B 189 1.40 17.81 25.78
N ILE B 190 0.96 18.25 26.96
CA ILE B 190 -0.11 17.60 27.70
C ILE B 190 -1.21 18.63 27.96
N TYR B 191 -2.44 18.28 27.63
CA TYR B 191 -3.61 19.12 27.88
C TYR B 191 -4.46 18.46 28.94
N CYS B 192 -4.76 19.20 30.01
CA CYS B 192 -5.44 18.66 31.17
C CYS B 192 -6.76 19.37 31.41
N HIS B 193 -7.79 18.61 31.76
CA HIS B 193 -9.10 19.15 32.05
C HIS B 193 -9.78 18.30 33.11
N MET B 194 -10.70 18.91 33.85
CA MET B 194 -11.42 18.23 34.92
C MET B 194 -12.92 18.26 34.60
N THR B 195 -13.55 17.09 34.63
CA THR B 195 -14.94 16.96 34.25
C THR B 195 -15.69 16.12 35.27
N CYS B 196 -17.00 16.26 35.27
CA CYS B 196 -17.91 15.48 36.09
C CYS B 196 -18.84 14.66 35.20
N ALA B 197 -19.82 14.01 35.80
CA ALA B 197 -20.77 13.20 35.05
C ALA B 197 -21.89 14.03 34.43
N THR B 198 -22.02 15.30 34.79
CA THR B 198 -23.06 16.16 34.25
C THR B 198 -22.56 17.15 33.21
N ASP B 199 -21.25 17.21 32.97
CA ASP B 199 -20.71 18.14 32.00
C ASP B 199 -21.10 17.73 30.58
N THR B 200 -21.39 18.73 29.75
CA THR B 200 -21.81 18.49 28.38
C THR B 200 -20.87 19.09 27.33
N ASN B 201 -19.99 20.00 27.71
CA ASN B 201 -19.09 20.65 26.75
C ASN B 201 -17.75 19.93 26.68
N ASN B 202 -17.80 18.64 26.37
CA ASN B 202 -16.59 17.85 26.22
C ASN B 202 -16.09 17.79 24.79
N ALA B 203 -16.97 17.97 23.80
CA ALA B 203 -16.53 17.98 22.41
C ALA B 203 -15.77 19.25 22.06
N GLN B 204 -16.08 20.36 22.72
CA GLN B 204 -15.38 21.61 22.47
C GLN B 204 -13.92 21.52 22.93
N VAL B 205 -13.67 20.83 24.04
CA VAL B 205 -12.31 20.74 24.57
C VAL B 205 -11.42 19.95 23.60
N ILE B 206 -11.94 18.85 23.06
CA ILE B 206 -11.17 18.07 22.09
C ILE B 206 -10.95 18.88 20.81
N PHE B 207 -11.96 19.63 20.38
CA PHE B 207 -11.82 20.45 19.18
C PHE B 207 -10.76 21.54 19.36
N ASP B 208 -10.74 22.17 20.53
CA ASP B 208 -9.76 23.23 20.77
C ASP B 208 -8.35 22.68 20.89
N ALA B 209 -8.20 21.44 21.36
CA ALA B 209 -6.87 20.87 21.52
C ALA B 209 -6.27 20.47 20.18
N VAL B 210 -7.06 19.86 19.29
CA VAL B 210 -6.53 19.43 18.00
C VAL B 210 -6.17 20.63 17.13
N THR B 211 -6.88 21.75 17.29
CA THR B 211 -6.54 22.96 16.56
C THR B 211 -5.16 23.47 16.95
N ASP B 212 -4.83 23.38 18.24
CA ASP B 212 -3.53 23.83 18.71
C ASP B 212 -2.42 22.88 18.28
N ILE B 213 -2.72 21.58 18.17
CA ILE B 213 -1.69 20.61 17.78
C ILE B 213 -1.26 20.84 16.34
N ILE B 214 -2.23 21.08 15.43
CA ILE B 214 -1.89 21.27 14.03
C ILE B 214 -1.09 22.55 13.83
N ILE B 215 -1.40 23.60 14.60
CA ILE B 215 -0.64 24.83 14.51
C ILE B 215 0.82 24.60 14.88
N ALA B 216 1.06 23.85 15.96
CA ALA B 216 2.41 23.61 16.42
C ALA B 216 3.20 22.80 15.39
N ASN B 217 2.55 21.86 14.72
CA ASN B 217 3.23 21.08 13.68
C ASN B 217 3.67 21.96 12.52
N ASN B 218 2.83 22.93 12.15
CA ASN B 218 3.14 23.77 11.01
C ASN B 218 4.23 24.78 11.32
N LEU B 219 4.37 25.20 12.58
CA LEU B 219 5.49 26.06 12.96
C LEU B 219 6.81 25.33 12.77
N ARG B 220 6.86 24.03 13.06
CA ARG B 220 8.11 23.28 12.93
C ARG B 220 8.54 23.18 11.48
N GLY B 221 7.58 23.03 10.56
CA GLY B 221 7.94 23.05 9.14
C GLY B 221 8.48 24.39 8.70
N CYS B 222 7.93 25.49 9.23
CA CYS B 222 8.47 26.81 8.96
C CYS B 222 9.85 27.01 9.55
N GLY B 223 10.20 26.25 10.59
CA GLY B 223 11.47 26.36 11.26
C GLY B 223 11.46 27.16 12.54
N LEU B 224 10.40 27.95 12.78
CA LEU B 224 10.32 28.73 14.01
C LEU B 224 10.22 27.83 15.23
N TYR B 225 9.41 26.79 15.24
CA TYR B 225 9.34 26.00 16.50
C TYR B 225 10.10 24.69 16.35
N GLU C 2 3.25 -33.26 48.08
CA GLU C 2 3.42 -33.26 46.64
C GLU C 2 3.45 -31.84 46.09
N LEU C 3 3.31 -30.86 46.98
CA LEU C 3 3.32 -29.46 46.55
C LEU C 3 4.69 -29.07 45.98
N ASP C 4 5.77 -29.52 46.61
CA ASP C 4 7.12 -29.21 46.17
C ASP C 4 7.93 -30.43 45.75
N GLN C 5 7.47 -31.64 46.07
CA GLN C 5 8.20 -32.84 45.67
C GLN C 5 8.18 -33.03 44.16
N LEU C 6 7.07 -32.68 43.51
CA LEU C 6 6.97 -32.82 42.06
C LEU C 6 7.87 -31.84 41.32
N ARG C 7 8.26 -30.75 41.97
CA ARG C 7 9.17 -29.79 41.33
C ARG C 7 10.54 -30.41 41.08
N GLN C 8 11.01 -31.25 42.01
CA GLN C 8 12.31 -31.88 41.84
C GLN C 8 12.31 -32.84 40.65
N GLU C 9 11.19 -33.52 40.42
CA GLU C 9 11.12 -34.46 39.30
C GLU C 9 11.26 -33.73 37.97
N ALA C 10 10.66 -32.54 37.83
CA ALA C 10 10.78 -31.79 36.60
C ALA C 10 12.23 -31.38 36.32
N GLU C 11 12.95 -30.96 37.37
CA GLU C 11 14.34 -30.56 37.19
C GLU C 11 15.21 -31.75 36.77
N GLN C 12 14.97 -32.92 37.36
CA GLN C 12 15.77 -34.09 37.03
C GLN C 12 15.57 -34.51 35.57
N LEU C 13 14.32 -34.45 35.08
CA LEU C 13 14.05 -34.82 33.70
C LEU C 13 14.66 -33.83 32.72
N LYS C 14 14.70 -32.54 33.09
CA LYS C 14 15.31 -31.54 32.22
C LYS C 14 16.80 -31.80 32.03
N ASN C 15 17.49 -32.18 33.11
CA ASN C 15 18.91 -32.49 33.00
C ASN C 15 19.17 -33.80 32.28
N GLN C 16 18.19 -34.72 32.30
CA GLN C 16 18.33 -35.97 31.58
C GLN C 16 18.32 -35.75 30.07
N ILE C 17 17.48 -34.83 29.60
CA ILE C 17 17.39 -34.56 28.17
C ILE C 17 18.66 -33.86 27.68
N ARG C 18 19.20 -32.94 28.49
CA ARG C 18 20.40 -32.21 28.09
C ARG C 18 21.59 -33.15 27.92
N ASP C 19 21.73 -34.13 28.82
CA ASP C 19 22.81 -35.10 28.69
C ASP C 19 22.65 -35.95 27.44
N ALA C 20 21.40 -36.31 27.11
CA ALA C 20 21.15 -37.13 25.93
C ALA C 20 21.56 -36.40 24.65
N ARG C 21 21.26 -35.10 24.56
CA ARG C 21 21.63 -34.34 23.37
C ARG C 21 23.14 -34.11 23.30
N LYS C 22 23.78 -33.90 24.46
CA LYS C 22 25.22 -33.67 24.46
C LYS C 22 25.98 -34.90 23.99
N ALA C 23 25.57 -36.09 24.42
CA ALA C 23 26.20 -37.32 23.96
C ALA C 23 25.92 -37.63 22.50
N CYS C 24 24.93 -36.97 21.91
CA CYS C 24 24.57 -37.17 20.51
C CYS C 24 25.32 -36.24 19.56
N ALA C 25 26.10 -35.30 20.09
CA ALA C 25 26.85 -34.35 19.28
C ALA C 25 28.30 -34.80 19.23
N ASP C 26 28.78 -35.07 18.01
CA ASP C 26 30.17 -35.50 17.80
C ASP C 26 30.93 -34.51 16.92
N ALA C 27 30.35 -34.08 15.81
CA ALA C 27 30.97 -33.10 14.92
C ALA C 27 29.96 -32.03 14.56
N THR C 28 30.45 -30.84 14.26
CA THR C 28 29.60 -29.71 13.92
C THR C 28 29.31 -29.68 12.42
N LEU C 29 28.29 -28.90 12.06
CA LEU C 29 27.95 -28.74 10.65
C LEU C 29 29.05 -28.01 9.89
N SER C 30 29.68 -27.03 10.52
CA SER C 30 30.72 -26.25 9.84
C SER C 30 31.91 -27.12 9.45
N GLN C 31 32.31 -28.04 10.32
CA GLN C 31 33.45 -28.90 10.02
C GLN C 31 33.15 -29.82 8.85
N ILE C 32 31.94 -30.36 8.79
CA ILE C 32 31.59 -31.30 7.72
C ILE C 32 31.54 -30.59 6.38
N THR C 33 31.03 -29.36 6.35
CA THR C 33 30.83 -28.60 5.12
C THR C 33 32.03 -27.73 4.74
N ASN C 34 33.15 -27.87 5.45
CA ASN C 34 34.29 -26.99 5.21
C ASN C 34 34.82 -27.14 3.78
N ASN C 35 34.95 -28.37 3.30
CA ASN C 35 35.49 -28.62 1.96
C ASN C 35 34.37 -28.64 0.92
N ILE C 36 33.68 -27.50 0.82
CA ILE C 36 32.60 -27.30 -0.14
C ILE C 36 32.80 -25.96 -0.82
N ASP C 37 32.63 -25.94 -2.14
CA ASP C 37 32.86 -24.72 -2.91
C ASP C 37 31.82 -23.67 -2.55
N PRO C 38 32.23 -22.45 -2.21
CA PRO C 38 31.26 -21.39 -1.91
C PRO C 38 30.43 -21.02 -3.12
N VAL C 39 29.20 -20.56 -2.85
CA VAL C 39 28.29 -20.19 -3.92
C VAL C 39 28.77 -18.94 -4.66
N GLY C 40 29.47 -18.05 -3.97
CA GLY C 40 29.98 -16.84 -4.58
C GLY C 40 29.17 -15.63 -4.17
N ARG C 41 28.79 -14.81 -5.16
CA ARG C 41 28.02 -13.59 -4.93
C ARG C 41 26.73 -13.65 -5.73
N ILE C 42 25.62 -13.31 -5.08
CA ILE C 42 24.30 -13.35 -5.69
C ILE C 42 23.82 -11.93 -5.89
N GLN C 43 23.45 -11.59 -7.13
CA GLN C 43 22.94 -10.27 -7.48
C GLN C 43 21.56 -10.41 -8.10
N MET C 44 20.60 -9.65 -7.60
CA MET C 44 19.23 -9.68 -8.09
C MET C 44 18.77 -8.27 -8.40
N ARG C 45 17.99 -8.13 -9.46
CA ARG C 45 17.50 -6.84 -9.93
C ARG C 45 15.98 -6.82 -9.90
N THR C 46 15.42 -5.67 -9.52
CA THR C 46 13.98 -5.52 -9.48
C THR C 46 13.39 -5.64 -10.88
N ARG C 47 12.29 -6.39 -11.00
CA ARG C 47 11.63 -6.62 -12.27
C ARG C 47 10.26 -5.96 -12.35
N ARG C 48 9.46 -6.06 -11.29
CA ARG C 48 8.12 -5.47 -11.26
C ARG C 48 7.93 -4.68 -9.97
N THR C 49 7.14 -3.61 -10.07
CA THR C 49 6.74 -2.82 -8.91
C THR C 49 5.23 -2.64 -8.98
N LEU C 50 4.53 -3.04 -7.92
CA LEU C 50 3.08 -3.00 -7.87
C LEU C 50 2.63 -1.86 -6.97
N ARG C 51 1.77 -1.00 -7.49
CA ARG C 51 1.28 0.18 -6.78
C ARG C 51 -0.23 0.14 -6.67
N GLY C 52 -0.76 0.81 -5.65
CA GLY C 52 -2.19 0.86 -5.43
C GLY C 52 -2.60 0.84 -3.97
N HIS C 53 -1.71 0.38 -3.10
CA HIS C 53 -1.97 0.40 -1.67
C HIS C 53 -1.66 1.78 -1.10
N LEU C 54 -2.56 2.30 -0.27
CA LEU C 54 -2.42 3.63 0.30
C LEU C 54 -1.98 3.60 1.76
N ALA C 55 -1.53 2.46 2.27
CA ALA C 55 -1.09 2.35 3.65
C ALA C 55 -0.07 1.22 3.74
N LYS C 56 0.30 0.87 4.96
CA LYS C 56 1.32 -0.14 5.19
C LYS C 56 0.81 -1.53 4.79
N ILE C 57 1.73 -2.35 4.29
CA ILE C 57 1.43 -3.72 3.90
C ILE C 57 1.95 -4.66 4.97
N TYR C 58 1.09 -5.58 5.42
CA TYR C 58 1.42 -6.47 6.53
C TYR C 58 1.69 -7.91 6.14
N ALA C 59 1.06 -8.41 5.07
CA ALA C 59 1.25 -9.80 4.69
C ALA C 59 0.96 -9.98 3.21
N MET C 60 1.51 -11.07 2.66
CA MET C 60 1.22 -11.49 1.30
C MET C 60 1.38 -13.00 1.20
N HIS C 61 0.79 -13.57 0.16
CA HIS C 61 0.90 -15.01 -0.07
C HIS C 61 0.89 -15.28 -1.57
N TRP C 62 1.67 -16.29 -1.97
CA TRP C 62 1.76 -16.71 -3.36
C TRP C 62 0.71 -17.77 -3.66
N GLY C 63 0.23 -17.77 -4.91
CA GLY C 63 -0.59 -18.86 -5.37
C GLY C 63 0.23 -20.04 -5.84
N THR C 64 -0.42 -21.20 -5.93
CA THR C 64 0.27 -22.41 -6.34
C THR C 64 0.65 -22.43 -7.82
N ASP C 65 0.13 -21.50 -8.61
CA ASP C 65 0.47 -21.39 -10.02
C ASP C 65 1.65 -20.46 -10.28
N SER C 66 2.19 -19.83 -9.23
CA SER C 66 3.36 -18.95 -9.33
C SER C 66 3.09 -17.74 -10.21
N ARG C 67 1.83 -17.34 -10.33
CA ARG C 67 1.48 -16.15 -11.10
C ARG C 67 0.62 -15.17 -10.31
N LEU C 68 -0.28 -15.67 -9.48
CA LEU C 68 -1.18 -14.84 -8.70
C LEU C 68 -0.71 -14.71 -7.26
N LEU C 69 -1.10 -13.61 -6.62
CA LEU C 69 -0.76 -13.35 -5.23
C LEU C 69 -1.77 -12.40 -4.63
N VAL C 70 -1.85 -12.41 -3.30
CA VAL C 70 -2.80 -11.59 -2.55
C VAL C 70 -2.03 -10.77 -1.52
N SER C 71 -2.47 -9.54 -1.30
CA SER C 71 -1.81 -8.63 -0.37
C SER C 71 -2.86 -7.94 0.50
N ALA C 72 -2.54 -7.77 1.78
CA ALA C 72 -3.43 -7.14 2.75
C ALA C 72 -2.78 -5.87 3.29
N SER C 73 -3.59 -4.83 3.46
CA SER C 73 -3.12 -3.54 3.94
C SER C 73 -4.07 -3.00 5.00
N GLN C 74 -3.60 -1.99 5.74
CA GLN C 74 -4.38 -1.39 6.82
C GLN C 74 -5.51 -0.50 6.31
N ASP C 75 -5.56 -0.22 5.00
CA ASP C 75 -6.65 0.56 4.43
C ASP C 75 -7.91 -0.27 4.22
N GLY C 76 -7.97 -1.48 4.79
CA GLY C 76 -9.15 -2.32 4.69
C GLY C 76 -9.43 -2.84 3.29
N LYS C 77 -8.39 -3.22 2.55
CA LYS C 77 -8.57 -3.72 1.19
C LYS C 77 -7.69 -4.94 0.96
N LEU C 78 -8.24 -5.92 0.26
CA LEU C 78 -7.50 -7.08 -0.22
C LEU C 78 -7.41 -7.00 -1.74
N ILE C 79 -6.20 -7.14 -2.28
CA ILE C 79 -5.95 -7.00 -3.70
C ILE C 79 -5.32 -8.28 -4.22
N ILE C 80 -5.83 -8.79 -5.33
CA ILE C 80 -5.26 -9.94 -6.03
C ILE C 80 -4.61 -9.42 -7.31
N TRP C 81 -3.31 -9.66 -7.44
CA TRP C 81 -2.54 -9.13 -8.54
C TRP C 81 -2.25 -10.19 -9.59
N ASP C 82 -1.76 -9.74 -10.74
CA ASP C 82 -1.21 -10.60 -11.78
C ASP C 82 0.26 -10.20 -11.94
N SER C 83 1.16 -11.10 -11.56
CA SER C 83 2.58 -10.76 -11.50
C SER C 83 3.14 -10.42 -12.89
N TYR C 84 2.75 -11.18 -13.91
CA TYR C 84 3.34 -11.00 -15.24
C TYR C 84 2.97 -9.66 -15.84
N THR C 85 1.71 -9.25 -15.71
CA THR C 85 1.20 -8.05 -16.37
C THR C 85 0.96 -6.88 -15.41
N THR C 86 1.21 -7.06 -14.11
CA THR C 86 0.95 -6.03 -13.10
C THR C 86 -0.48 -5.54 -13.16
N ASN C 87 -1.41 -6.47 -13.30
CA ASN C 87 -2.84 -6.16 -13.42
C ASN C 87 -3.56 -6.52 -12.12
N LYS C 88 -4.65 -5.81 -11.87
CA LYS C 88 -5.49 -6.05 -10.70
C LYS C 88 -6.70 -6.88 -11.10
N VAL C 89 -6.93 -7.97 -10.38
CA VAL C 89 -8.03 -8.89 -10.68
C VAL C 89 -9.24 -8.61 -9.81
N HIS C 90 -9.05 -8.48 -8.50
CA HIS C 90 -10.14 -8.26 -7.57
C HIS C 90 -9.73 -7.24 -6.53
N ALA C 91 -10.74 -6.59 -5.93
CA ALA C 91 -10.53 -5.66 -4.83
C ALA C 91 -11.62 -5.94 -3.79
N ILE C 92 -11.23 -6.45 -2.64
CA ILE C 92 -12.15 -6.92 -1.62
C ILE C 92 -12.12 -5.93 -0.46
N PRO C 93 -13.23 -5.25 -0.15
CA PRO C 93 -13.27 -4.41 1.04
C PRO C 93 -13.49 -5.24 2.29
N LEU C 94 -12.94 -4.74 3.40
CA LEU C 94 -12.95 -5.44 4.67
C LEU C 94 -13.78 -4.67 5.70
N ARG C 95 -14.55 -5.40 6.50
CA ARG C 95 -15.34 -4.77 7.56
C ARG C 95 -14.44 -4.14 8.61
N SER C 96 -13.39 -4.85 9.02
CA SER C 96 -12.40 -4.34 9.96
C SER C 96 -11.09 -4.07 9.22
N SER C 97 -10.53 -2.88 9.43
CA SER C 97 -9.32 -2.47 8.73
C SER C 97 -8.04 -2.85 9.48
N TRP C 98 -8.15 -3.53 10.61
CA TRP C 98 -7.00 -3.93 11.40
C TRP C 98 -6.70 -5.40 11.10
N VAL C 99 -5.99 -5.63 9.99
CA VAL C 99 -5.64 -6.96 9.54
C VAL C 99 -4.16 -7.20 9.77
N MET C 100 -3.80 -8.46 10.00
CA MET C 100 -2.43 -8.84 10.27
C MET C 100 -1.94 -10.05 9.49
N THR C 101 -2.82 -10.79 8.82
CA THR C 101 -2.41 -11.99 8.10
C THR C 101 -3.37 -12.25 6.95
N CYS C 102 -2.90 -13.05 6.00
CA CYS C 102 -3.71 -13.46 4.86
C CYS C 102 -3.13 -14.77 4.31
N ALA C 103 -3.97 -15.49 3.57
CA ALA C 103 -3.56 -16.78 3.02
C ALA C 103 -4.30 -17.02 1.72
N TYR C 104 -3.75 -17.93 0.91
CA TYR C 104 -4.33 -18.32 -0.37
C TYR C 104 -4.52 -19.83 -0.37
N ALA C 105 -5.71 -20.28 -0.75
CA ALA C 105 -5.99 -21.70 -0.75
C ALA C 105 -5.19 -22.41 -1.84
N PRO C 106 -4.73 -23.64 -1.59
CA PRO C 106 -3.98 -24.37 -2.64
C PRO C 106 -4.80 -24.60 -3.90
N SER C 107 -6.12 -24.80 -3.77
CA SER C 107 -6.96 -24.97 -4.96
C SER C 107 -7.15 -23.66 -5.70
N GLY C 108 -7.05 -22.53 -5.00
CA GLY C 108 -7.24 -21.24 -5.62
C GLY C 108 -8.65 -20.71 -5.62
N ASN C 109 -9.53 -21.25 -4.78
CA ASN C 109 -10.92 -20.84 -4.74
C ASN C 109 -11.26 -19.97 -3.54
N TYR C 110 -10.38 -19.86 -2.54
CA TYR C 110 -10.67 -19.12 -1.33
C TYR C 110 -9.45 -18.32 -0.89
N VAL C 111 -9.72 -17.24 -0.15
CA VAL C 111 -8.70 -16.48 0.55
C VAL C 111 -9.20 -16.23 1.97
N ALA C 112 -8.25 -15.98 2.87
CA ALA C 112 -8.56 -15.78 4.28
C ALA C 112 -7.80 -14.57 4.81
N CYS C 113 -8.34 -13.98 5.87
CA CYS C 113 -7.72 -12.83 6.51
C CYS C 113 -8.16 -12.76 7.97
N GLY C 114 -7.38 -12.03 8.76
CA GLY C 114 -7.68 -11.87 10.17
C GLY C 114 -6.84 -10.75 10.76
N GLY C 115 -7.15 -10.43 12.02
CA GLY C 115 -6.47 -9.33 12.68
C GLY C 115 -6.90 -9.10 14.12
N LEU C 116 -7.12 -7.83 14.47
CA LEU C 116 -7.43 -7.44 15.84
C LEU C 116 -8.89 -7.64 16.20
N ASP C 117 -9.73 -8.08 15.26
CA ASP C 117 -11.13 -8.36 15.54
C ASP C 117 -11.35 -9.75 16.10
N ASN C 118 -10.30 -10.56 16.21
CA ASN C 118 -10.33 -11.91 16.75
C ASN C 118 -11.20 -12.85 15.92
N ILE C 119 -11.36 -12.59 14.63
CA ILE C 119 -12.20 -13.39 13.76
C ILE C 119 -11.44 -13.72 12.48
N CYS C 120 -11.57 -14.96 12.02
CA CYS C 120 -11.00 -15.40 10.75
C CYS C 120 -12.11 -15.45 9.71
N SER C 121 -11.95 -14.70 8.62
CA SER C 121 -12.95 -14.59 7.58
C SER C 121 -12.48 -15.32 6.33
N ILE C 122 -13.40 -15.99 5.66
CA ILE C 122 -13.13 -16.77 4.45
C ILE C 122 -14.00 -16.24 3.33
N TYR C 123 -13.37 -15.94 2.19
CA TYR C 123 -14.05 -15.33 1.06
C TYR C 123 -14.11 -16.31 -0.11
N ASN C 124 -15.21 -16.27 -0.86
CA ASN C 124 -15.42 -17.11 -2.01
C ASN C 124 -15.10 -16.32 -3.28
N LEU C 125 -14.16 -16.83 -4.08
CA LEU C 125 -13.72 -16.13 -5.28
C LEU C 125 -14.48 -16.56 -6.52
N LYS C 126 -14.61 -17.87 -6.75
CA LYS C 126 -15.26 -18.39 -7.95
C LYS C 126 -16.69 -18.77 -7.60
N THR C 127 -17.62 -17.86 -7.91
CA THR C 127 -19.04 -18.08 -7.68
C THR C 127 -19.84 -17.26 -8.68
N ARG C 128 -21.12 -17.59 -8.79
CA ARG C 128 -22.00 -16.84 -9.66
C ARG C 128 -22.17 -15.41 -9.14
N GLU C 129 -22.90 -14.59 -9.90
CA GLU C 129 -23.14 -13.17 -9.68
C GLU C 129 -21.89 -12.33 -9.90
N GLY C 130 -20.75 -12.93 -10.19
CA GLY C 130 -19.54 -12.19 -10.51
C GLY C 130 -19.05 -11.27 -9.41
N ASN C 131 -19.08 -11.72 -8.16
CA ASN C 131 -18.63 -10.91 -7.05
C ASN C 131 -18.11 -11.82 -5.95
N VAL C 132 -17.30 -11.23 -5.06
CA VAL C 132 -16.72 -11.94 -3.93
C VAL C 132 -17.57 -11.63 -2.70
N ARG C 133 -17.99 -12.68 -1.99
CA ARG C 133 -18.83 -12.55 -0.81
C ARG C 133 -18.21 -13.32 0.35
N VAL C 134 -18.56 -12.90 1.56
CA VAL C 134 -18.09 -13.57 2.76
C VAL C 134 -18.85 -14.88 2.93
N SER C 135 -18.11 -15.98 3.09
CA SER C 135 -18.70 -17.31 3.18
C SER C 135 -18.75 -17.86 4.60
N ARG C 136 -17.82 -17.48 5.46
CA ARG C 136 -17.78 -18.02 6.81
C ARG C 136 -16.93 -17.13 7.70
N GLU C 137 -17.39 -16.90 8.92
CA GLU C 137 -16.63 -16.20 9.94
C GLU C 137 -16.40 -17.14 11.11
N LEU C 138 -15.13 -17.32 11.48
CA LEU C 138 -14.76 -18.24 12.54
C LEU C 138 -14.49 -17.46 13.83
N ALA C 139 -15.20 -17.80 14.89
CA ALA C 139 -15.07 -17.14 16.18
C ALA C 139 -14.75 -18.16 17.27
N GLY C 140 -14.10 -17.70 18.33
CA GLY C 140 -13.75 -18.56 19.43
C GLY C 140 -12.41 -18.24 20.06
N HIS C 141 -11.64 -17.37 19.42
CA HIS C 141 -10.35 -16.94 19.95
C HIS C 141 -10.54 -15.71 20.83
N THR C 142 -9.76 -15.63 21.90
CA THR C 142 -9.80 -14.50 22.82
C THR C 142 -8.61 -13.56 22.63
N GLY C 143 -7.90 -13.68 21.51
CA GLY C 143 -6.80 -12.78 21.20
C GLY C 143 -6.69 -12.61 19.70
N TYR C 144 -5.83 -11.67 19.30
CA TYR C 144 -5.68 -11.35 17.89
C TYR C 144 -5.03 -12.51 17.14
N LEU C 145 -5.48 -12.72 15.90
CA LEU C 145 -4.91 -13.76 15.06
C LEU C 145 -3.58 -13.28 14.46
N SER C 146 -2.57 -14.15 14.50
CA SER C 146 -1.25 -13.84 13.99
C SER C 146 -0.96 -14.47 12.64
N CYS C 147 -1.41 -15.71 12.42
CA CYS C 147 -1.13 -16.40 11.17
C CYS C 147 -2.22 -17.44 10.93
N CYS C 148 -2.38 -17.80 9.66
CA CYS C 148 -3.36 -18.82 9.27
C CYS C 148 -2.89 -19.47 7.98
N ARG C 149 -3.12 -20.78 7.87
CA ARG C 149 -2.72 -21.54 6.71
C ARG C 149 -3.80 -22.56 6.37
N PHE C 150 -3.92 -22.88 5.08
CA PHE C 150 -4.93 -23.78 4.57
C PHE C 150 -4.37 -25.19 4.44
N LEU C 151 -5.08 -26.16 5.00
CA LEU C 151 -4.77 -27.58 4.74
C LEU C 151 -5.48 -28.05 3.47
N ASP C 152 -6.80 -27.92 3.45
CA ASP C 152 -7.63 -28.24 2.29
C ASP C 152 -8.66 -27.13 2.14
N ASP C 153 -9.65 -27.37 1.29
CA ASP C 153 -10.74 -26.41 1.12
C ASP C 153 -11.70 -26.38 2.30
N ASN C 154 -11.57 -27.32 3.24
CA ASN C 154 -12.48 -27.40 4.38
C ASN C 154 -11.77 -27.41 5.73
N GLN C 155 -10.45 -27.18 5.76
CA GLN C 155 -9.71 -27.16 7.01
C GLN C 155 -8.73 -26.00 7.01
N ILE C 156 -8.54 -25.39 8.17
CA ILE C 156 -7.63 -24.26 8.33
C ILE C 156 -7.06 -24.30 9.74
N VAL C 157 -5.80 -23.88 9.86
CA VAL C 157 -5.10 -23.85 11.14
C VAL C 157 -4.74 -22.41 11.45
N THR C 158 -5.05 -21.96 12.67
CA THR C 158 -4.85 -20.57 13.07
C THR C 158 -4.03 -20.50 14.33
N SER C 159 -3.29 -19.40 14.47
CA SER C 159 -2.53 -19.08 15.67
C SER C 159 -2.98 -17.71 16.17
N SER C 160 -3.12 -17.56 17.49
CA SER C 160 -3.69 -16.37 18.08
C SER C 160 -2.81 -15.87 19.22
N GLY C 161 -3.18 -14.71 19.74
CA GLY C 161 -2.49 -14.08 20.85
C GLY C 161 -2.92 -14.53 22.23
N ASP C 162 -3.77 -15.55 22.31
CA ASP C 162 -4.17 -16.13 23.59
C ASP C 162 -3.34 -17.35 23.98
N THR C 163 -2.15 -17.50 23.40
CA THR C 163 -1.26 -18.63 23.66
C THR C 163 -1.95 -19.95 23.32
N THR C 164 -2.54 -20.02 22.14
CA THR C 164 -3.31 -21.18 21.74
C THR C 164 -3.43 -21.24 20.22
N CYS C 165 -3.26 -22.42 19.66
CA CYS C 165 -3.52 -22.71 18.26
C CYS C 165 -4.79 -23.54 18.13
N ALA C 166 -5.38 -23.53 16.93
CA ALA C 166 -6.65 -24.21 16.73
C ALA C 166 -6.72 -24.76 15.31
N LEU C 167 -7.60 -25.74 15.13
CA LEU C 167 -7.90 -26.33 13.84
C LEU C 167 -9.41 -26.35 13.66
N TRP C 168 -9.88 -25.85 12.52
CA TRP C 168 -11.30 -25.61 12.30
C TRP C 168 -11.83 -26.50 11.18
N ASP C 169 -13.16 -26.65 11.18
CA ASP C 169 -13.90 -27.24 10.08
C ASP C 169 -14.78 -26.13 9.50
N ILE C 170 -14.47 -25.72 8.26
CA ILE C 170 -15.08 -24.52 7.70
C ILE C 170 -16.59 -24.70 7.54
N GLU C 171 -17.02 -25.85 7.03
CA GLU C 171 -18.45 -26.08 6.80
C GLU C 171 -19.22 -26.07 8.11
N THR C 172 -18.70 -26.75 9.13
CA THR C 172 -19.37 -26.77 10.43
C THR C 172 -19.13 -25.50 11.21
N GLY C 173 -18.00 -24.83 10.99
CA GLY C 173 -17.70 -23.62 11.74
C GLY C 173 -17.30 -23.86 13.17
N GLN C 174 -16.79 -25.04 13.49
CA GLN C 174 -16.47 -25.41 14.86
C GLN C 174 -14.97 -25.70 15.00
N GLN C 175 -14.49 -25.61 16.23
CA GLN C 175 -13.09 -25.87 16.55
C GLN C 175 -12.93 -27.36 16.84
N THR C 176 -12.34 -28.08 15.88
CA THR C 176 -12.20 -29.53 16.03
C THR C 176 -11.13 -29.88 17.06
N THR C 177 -9.98 -29.22 17.01
CA THR C 177 -8.88 -29.52 17.91
C THR C 177 -8.27 -28.23 18.41
N THR C 178 -7.79 -28.24 19.65
CA THR C 178 -7.15 -27.10 20.29
C THR C 178 -5.77 -27.50 20.78
N PHE C 179 -4.76 -26.72 20.42
CA PHE C 179 -3.37 -26.99 20.81
C PHE C 179 -2.98 -26.04 21.94
N THR C 180 -2.51 -26.60 23.04
CA THR C 180 -2.16 -25.84 24.23
C THR C 180 -0.79 -26.25 24.72
N GLY C 181 -0.13 -25.34 25.44
CA GLY C 181 1.17 -25.63 26.01
C GLY C 181 2.14 -24.46 25.98
N HIS C 182 1.87 -23.49 25.11
CA HIS C 182 2.72 -22.31 25.03
C HIS C 182 2.46 -21.39 26.23
N THR C 183 3.47 -20.57 26.54
CA THR C 183 3.38 -19.59 27.62
C THR C 183 3.15 -18.17 27.10
N GLY C 184 3.90 -17.76 26.07
CA GLY C 184 3.73 -16.45 25.48
C GLY C 184 2.85 -16.47 24.24
N ASP C 185 2.70 -15.29 23.65
CA ASP C 185 1.85 -15.13 22.49
C ASP C 185 2.46 -15.82 21.27
N VAL C 186 1.62 -16.55 20.53
CA VAL C 186 2.08 -17.25 19.34
C VAL C 186 2.09 -16.28 18.17
N MET C 187 3.21 -16.21 17.46
CA MET C 187 3.41 -15.22 16.41
C MET C 187 3.46 -15.80 15.00
N SER C 188 3.97 -17.01 14.82
CA SER C 188 4.21 -17.56 13.49
C SER C 188 3.63 -18.96 13.38
N LEU C 189 3.67 -19.49 12.16
CA LEU C 189 3.11 -20.80 11.87
C LEU C 189 3.69 -21.28 10.54
N SER C 190 3.94 -22.59 10.44
CA SER C 190 4.50 -23.16 9.21
C SER C 190 4.08 -24.62 9.10
N LEU C 191 3.56 -24.99 7.94
CA LEU C 191 3.08 -26.34 7.68
C LEU C 191 4.15 -27.17 6.98
N ALA C 192 4.16 -28.47 7.29
CA ALA C 192 5.07 -29.40 6.65
C ALA C 192 4.60 -29.75 5.25
N PRO C 193 5.52 -30.16 4.37
CA PRO C 193 5.11 -30.53 3.00
C PRO C 193 4.10 -31.68 2.96
N ASP C 194 4.17 -32.61 3.91
CA ASP C 194 3.26 -33.75 3.90
C ASP C 194 1.91 -33.45 4.55
N THR C 195 1.74 -32.25 5.11
CA THR C 195 0.48 -31.83 5.74
C THR C 195 0.11 -32.80 6.87
N ARG C 196 1.09 -33.09 7.73
CA ARG C 196 0.89 -33.92 8.91
C ARG C 196 1.47 -33.34 10.19
N LEU C 197 2.39 -32.38 10.10
CA LEU C 197 2.96 -31.74 11.27
C LEU C 197 3.12 -30.26 10.97
N PHE C 198 3.24 -29.46 12.03
CA PHE C 198 3.50 -28.03 11.88
C PHE C 198 4.25 -27.52 13.10
N VAL C 199 4.94 -26.40 12.91
CA VAL C 199 5.74 -25.78 13.95
C VAL C 199 5.24 -24.36 14.20
N SER C 200 5.49 -23.86 15.40
CA SER C 200 5.05 -22.53 15.78
C SER C 200 6.09 -21.85 16.65
N GLY C 201 6.14 -20.54 16.58
CA GLY C 201 7.04 -19.75 17.41
C GLY C 201 6.27 -18.74 18.22
N ALA C 202 6.66 -18.60 19.49
CA ALA C 202 5.94 -17.76 20.44
C ALA C 202 6.87 -16.71 21.03
N CYS C 203 6.33 -15.91 21.94
CA CYS C 203 7.08 -14.85 22.60
C CYS C 203 7.86 -15.33 23.81
N ASP C 204 7.77 -16.60 24.16
CA ASP C 204 8.56 -17.19 25.23
C ASP C 204 9.86 -17.80 24.72
N ALA C 205 10.28 -17.46 23.50
CA ALA C 205 11.57 -17.88 22.93
C ALA C 205 11.67 -19.40 22.83
N SER C 206 10.59 -20.04 22.37
CA SER C 206 10.60 -21.48 22.16
C SER C 206 9.78 -21.82 20.92
N ALA C 207 10.08 -22.97 20.35
CA ALA C 207 9.33 -23.52 19.22
C ALA C 207 8.90 -24.94 19.55
N LYS C 208 7.76 -25.34 18.99
CA LYS C 208 7.18 -26.64 19.29
C LYS C 208 6.75 -27.33 18.01
N LEU C 209 6.74 -28.66 18.05
CA LEU C 209 6.29 -29.50 16.95
C LEU C 209 5.02 -30.21 17.35
N TRP C 210 3.98 -30.09 16.53
CA TRP C 210 2.65 -30.57 16.88
C TRP C 210 2.23 -31.70 15.93
N ASP C 211 1.25 -32.47 16.39
CA ASP C 211 0.63 -33.52 15.58
C ASP C 211 -0.80 -33.09 15.25
N VAL C 212 -1.12 -33.05 13.95
CA VAL C 212 -2.42 -32.56 13.53
C VAL C 212 -3.52 -33.55 13.91
N ARG C 213 -3.28 -34.84 13.66
CA ARG C 213 -4.34 -35.83 13.90
C ARG C 213 -4.55 -36.10 15.38
N GLU C 214 -3.46 -36.19 16.15
CA GLU C 214 -3.55 -36.57 17.55
C GLU C 214 -3.58 -35.38 18.50
N GLY C 215 -3.16 -34.20 18.06
CA GLY C 215 -3.21 -33.02 18.91
C GLY C 215 -2.31 -33.06 20.12
N MET C 216 -1.07 -33.50 19.95
CA MET C 216 -0.10 -33.57 21.04
C MET C 216 1.21 -32.92 20.62
N CYS C 217 1.97 -32.49 21.61
CA CYS C 217 3.27 -31.88 21.41
C CYS C 217 4.37 -32.93 21.57
N ARG C 218 5.31 -32.96 20.62
CA ARG C 218 6.35 -33.97 20.60
C ARG C 218 7.75 -33.45 20.91
N GLN C 219 8.06 -32.22 20.53
CA GLN C 219 9.39 -31.68 20.75
C GLN C 219 9.31 -30.18 20.99
N THR C 220 10.17 -29.69 21.87
CA THR C 220 10.29 -28.26 22.15
C THR C 220 11.75 -27.85 22.00
N PHE C 221 11.98 -26.79 21.24
CA PHE C 221 13.32 -26.29 20.96
C PHE C 221 13.49 -24.91 21.58
N THR C 222 14.52 -24.75 22.40
CA THR C 222 14.77 -23.50 23.12
C THR C 222 16.24 -23.14 22.98
N GLY C 223 16.56 -22.16 22.13
CA GLY C 223 17.92 -21.68 22.03
C GLY C 223 18.04 -20.18 21.82
N HIS C 224 16.91 -19.48 21.77
CA HIS C 224 16.88 -18.07 21.45
C HIS C 224 16.98 -17.24 22.74
N GLU C 225 16.82 -15.92 22.61
CA GLU C 225 16.84 -15.03 23.77
C GLU C 225 15.77 -13.95 23.72
N SER C 226 14.86 -13.98 22.73
CA SER C 226 13.82 -12.97 22.61
C SER C 226 12.65 -13.58 21.84
N ASP C 227 11.71 -12.73 21.44
CA ASP C 227 10.51 -13.19 20.78
C ASP C 227 10.83 -13.75 19.40
N ILE C 228 10.22 -14.88 19.07
CA ILE C 228 10.38 -15.52 17.76
C ILE C 228 9.26 -15.02 16.85
N ASN C 229 9.63 -14.39 15.74
CA ASN C 229 8.66 -13.76 14.86
C ASN C 229 8.36 -14.56 13.59
N ALA C 230 9.32 -15.33 13.07
CA ALA C 230 9.13 -16.03 11.81
C ALA C 230 9.62 -17.47 11.93
N ILE C 231 9.06 -18.33 11.09
CA ILE C 231 9.42 -19.75 11.06
C ILE C 231 9.13 -20.29 9.67
N CYS C 232 9.92 -21.28 9.26
CA CYS C 232 9.79 -21.84 7.92
C CYS C 232 10.42 -23.23 7.89
N PHE C 233 9.80 -24.14 7.15
CA PHE C 233 10.31 -25.50 7.00
C PHE C 233 11.36 -25.59 5.91
N PHE C 234 12.28 -26.55 6.07
CA PHE C 234 13.17 -26.93 5.01
C PHE C 234 12.39 -27.69 3.93
N PRO C 235 12.81 -27.61 2.66
CA PRO C 235 12.13 -28.37 1.61
C PRO C 235 12.12 -29.87 1.86
N ASN C 236 13.17 -30.41 2.49
CA ASN C 236 13.18 -31.83 2.83
C ASN C 236 12.08 -32.18 3.82
N GLY C 237 11.88 -31.33 4.81
CA GLY C 237 10.90 -31.59 5.84
C GLY C 237 11.46 -32.09 7.15
N ASN C 238 12.78 -32.13 7.30
CA ASN C 238 13.42 -32.60 8.53
C ASN C 238 14.16 -31.49 9.26
N ALA C 239 13.92 -30.23 8.90
CA ALA C 239 14.60 -29.11 9.55
C ALA C 239 13.75 -27.86 9.34
N PHE C 240 14.01 -26.86 10.18
CA PHE C 240 13.30 -25.59 10.08
C PHE C 240 14.19 -24.48 10.61
N ALA C 241 13.86 -23.24 10.23
CA ALA C 241 14.62 -22.07 10.60
C ALA C 241 13.72 -21.05 11.28
N THR C 242 14.31 -20.26 12.16
CA THR C 242 13.58 -19.28 12.95
C THR C 242 14.31 -17.93 12.92
N GLY C 243 13.54 -16.88 13.18
CA GLY C 243 14.08 -15.54 13.30
C GLY C 243 13.50 -14.81 14.49
N SER C 244 14.34 -14.08 15.22
CA SER C 244 13.93 -13.47 16.48
C SER C 244 14.36 -12.01 16.52
N ASP C 245 13.95 -11.33 17.59
CA ASP C 245 14.26 -9.91 17.78
C ASP C 245 15.69 -9.66 18.18
N ASP C 246 16.45 -10.71 18.54
CA ASP C 246 17.84 -10.56 18.96
C ASP C 246 18.81 -10.51 17.79
N ALA C 247 18.33 -10.25 16.57
CA ALA C 247 19.17 -10.12 15.39
C ALA C 247 19.97 -11.39 15.13
N THR C 248 19.27 -12.52 15.07
CA THR C 248 19.93 -13.81 14.90
C THR C 248 18.94 -14.80 14.30
N CYS C 249 19.43 -15.63 13.38
CA CYS C 249 18.69 -16.75 12.83
C CYS C 249 19.35 -18.05 13.25
N ARG C 250 18.55 -19.11 13.36
CA ARG C 250 19.05 -20.41 13.79
C ARG C 250 18.39 -21.51 12.99
N LEU C 251 19.08 -22.64 12.90
CA LEU C 251 18.59 -23.82 12.18
C LEU C 251 18.52 -25.00 13.16
N PHE C 252 17.37 -25.66 13.18
CA PHE C 252 17.13 -26.78 14.07
C PHE C 252 16.84 -28.04 13.27
N ASP C 253 17.22 -29.19 13.83
CA ASP C 253 17.02 -30.48 13.20
C ASP C 253 16.01 -31.30 13.99
N LEU C 254 15.07 -31.94 13.28
CA LEU C 254 14.04 -32.73 13.93
C LEU C 254 14.62 -34.01 14.54
N ARG C 255 15.42 -34.74 13.77
CA ARG C 255 15.90 -36.04 14.22
C ARG C 255 16.99 -35.91 15.28
N ALA C 256 17.94 -35.00 15.11
CA ALA C 256 18.97 -34.81 16.12
C ALA C 256 18.42 -34.08 17.35
N ASP C 257 17.41 -33.25 17.16
CA ASP C 257 16.72 -32.53 18.25
C ASP C 257 17.72 -31.63 18.99
N GLN C 258 18.28 -30.68 18.23
CA GLN C 258 19.14 -29.63 18.78
C GLN C 258 19.45 -28.65 17.67
N GLU C 259 20.08 -27.54 18.05
CA GLU C 259 20.47 -26.52 17.09
C GLU C 259 21.66 -26.98 16.25
N LEU C 260 21.70 -26.54 14.99
CA LEU C 260 22.74 -26.92 14.05
C LEU C 260 23.64 -25.77 13.62
N MET C 261 23.08 -24.58 13.40
CA MET C 261 23.88 -23.47 12.91
C MET C 261 23.18 -22.16 13.24
N THR C 262 23.97 -21.13 13.50
CA THR C 262 23.47 -19.79 13.79
C THR C 262 23.98 -18.81 12.74
N TYR C 263 23.16 -17.79 12.46
CA TYR C 263 23.48 -16.76 11.48
C TYR C 263 23.46 -15.41 12.18
N SER C 264 24.60 -14.72 12.21
CA SER C 264 24.70 -13.45 12.91
C SER C 264 25.87 -12.66 12.35
N HIS C 265 25.85 -11.36 12.63
CA HIS C 265 26.94 -10.46 12.25
C HIS C 265 27.02 -9.34 13.27
N ASP C 266 28.18 -8.71 13.33
CA ASP C 266 28.44 -7.66 14.31
C ASP C 266 27.88 -6.31 13.90
N ASN C 267 27.30 -6.20 12.70
CA ASN C 267 26.72 -4.95 12.23
C ASN C 267 25.22 -4.88 12.47
N ILE C 268 24.50 -5.97 12.23
CA ILE C 268 23.05 -5.98 12.38
C ILE C 268 22.69 -5.94 13.86
N ILE C 269 21.76 -5.06 14.23
CA ILE C 269 21.29 -4.94 15.60
C ILE C 269 19.77 -4.95 15.64
N CYS C 270 19.15 -4.88 14.46
CA CYS C 270 17.70 -4.85 14.35
C CYS C 270 17.12 -6.27 14.30
N GLY C 271 15.82 -6.34 14.54
CA GLY C 271 15.13 -7.62 14.56
C GLY C 271 14.88 -8.19 13.18
N ILE C 272 14.28 -9.37 13.17
CA ILE C 272 13.99 -10.11 11.94
C ILE C 272 12.49 -10.31 11.83
N THR C 273 11.94 -9.95 10.68
CA THR C 273 10.49 -9.99 10.48
C THR C 273 10.01 -11.22 9.72
N SER C 274 10.81 -11.75 8.79
CA SER C 274 10.38 -12.90 8.00
C SER C 274 11.59 -13.67 7.51
N VAL C 275 11.40 -14.97 7.31
CA VAL C 275 12.43 -15.85 6.77
C VAL C 275 11.82 -16.73 5.70
N SER C 276 12.65 -17.18 4.76
CA SER C 276 12.20 -18.06 3.69
C SER C 276 13.39 -18.82 3.13
N PHE C 277 13.09 -19.94 2.49
CA PHE C 277 14.09 -20.81 1.86
C PHE C 277 14.00 -20.69 0.35
N SER C 278 14.94 -21.34 -0.33
CA SER C 278 14.94 -21.45 -1.78
C SER C 278 14.32 -22.79 -2.18
N LYS C 279 14.34 -23.09 -3.48
CA LYS C 279 13.80 -24.37 -3.94
C LYS C 279 14.71 -25.53 -3.58
N SER C 280 16.02 -25.29 -3.45
CA SER C 280 16.97 -26.32 -3.10
C SER C 280 17.42 -26.26 -1.65
N GLY C 281 17.11 -25.18 -0.93
CA GLY C 281 17.50 -25.03 0.45
C GLY C 281 18.90 -24.52 0.68
N ARG C 282 19.62 -24.16 -0.39
CA ARG C 282 20.98 -23.65 -0.23
C ARG C 282 21.01 -22.20 0.25
N LEU C 283 19.98 -21.43 -0.06
CA LEU C 283 19.94 -20.02 0.28
C LEU C 283 18.83 -19.75 1.29
N LEU C 284 19.12 -18.90 2.27
CA LEU C 284 18.15 -18.48 3.28
C LEU C 284 17.96 -16.98 3.18
N LEU C 285 16.70 -16.55 3.01
CA LEU C 285 16.36 -15.15 2.83
C LEU C 285 15.65 -14.65 4.09
N ALA C 286 16.06 -13.47 4.57
CA ALA C 286 15.50 -12.89 5.77
C ALA C 286 15.26 -11.40 5.57
N GLY C 287 14.26 -10.88 6.27
CA GLY C 287 13.94 -9.45 6.22
C GLY C 287 14.16 -8.82 7.59
N TYR C 288 14.73 -7.62 7.58
CA TYR C 288 15.11 -6.91 8.80
C TYR C 288 14.39 -5.58 8.88
N ASP C 289 14.62 -4.88 9.99
CA ASP C 289 14.06 -3.55 10.20
C ASP C 289 14.94 -2.43 9.67
N ASP C 290 16.15 -2.74 9.21
CA ASP C 290 17.06 -1.74 8.66
C ASP C 290 16.85 -1.52 7.17
N PHE C 291 15.64 -1.78 6.68
CA PHE C 291 15.15 -1.49 5.33
C PHE C 291 15.68 -2.48 4.30
N ASN C 292 16.38 -3.53 4.72
CA ASN C 292 17.11 -4.40 3.80
C ASN C 292 16.65 -5.85 3.93
N CYS C 293 16.96 -6.63 2.90
CA CYS C 293 16.76 -8.06 2.89
C CYS C 293 18.10 -8.73 2.59
N ASN C 294 18.44 -9.75 3.38
CA ASN C 294 19.75 -10.39 3.30
C ASN C 294 19.62 -11.83 2.82
N VAL C 295 20.67 -12.31 2.16
CA VAL C 295 20.74 -13.67 1.64
C VAL C 295 21.91 -14.38 2.32
N TRP C 296 21.65 -15.54 2.91
CA TRP C 296 22.64 -16.31 3.63
C TRP C 296 22.90 -17.64 2.93
N ASP C 297 24.12 -18.14 3.08
CA ASP C 297 24.44 -19.50 2.66
C ASP C 297 24.03 -20.46 3.77
N ALA C 298 23.06 -21.33 3.48
CA ALA C 298 22.47 -22.18 4.51
C ALA C 298 23.45 -23.20 5.06
N LEU C 299 24.51 -23.53 4.32
CA LEU C 299 25.45 -24.57 4.76
C LEU C 299 26.73 -24.02 5.35
N LYS C 300 27.20 -22.86 4.89
CA LYS C 300 28.46 -22.30 5.34
C LYS C 300 28.28 -21.06 6.22
N ALA C 301 27.05 -20.60 6.42
CA ALA C 301 26.76 -19.42 7.24
C ALA C 301 27.54 -18.20 6.78
N ASP C 302 27.60 -18.00 5.47
CA ASP C 302 28.32 -16.88 4.87
C ASP C 302 27.34 -15.97 4.16
N ARG C 303 27.44 -14.67 4.43
CA ARG C 303 26.56 -13.70 3.79
C ARG C 303 26.89 -13.61 2.30
N ALA C 304 25.86 -13.64 1.45
CA ALA C 304 26.06 -13.78 0.02
C ALA C 304 25.45 -12.67 -0.83
N GLY C 305 24.57 -11.85 -0.28
CA GLY C 305 23.97 -10.80 -1.08
C GLY C 305 23.05 -9.94 -0.24
N VAL C 306 22.67 -8.80 -0.82
CA VAL C 306 21.80 -7.82 -0.17
C VAL C 306 20.74 -7.37 -1.17
N LEU C 307 19.51 -7.24 -0.71
CA LEU C 307 18.40 -6.71 -1.50
C LEU C 307 17.99 -5.38 -0.89
N ALA C 308 18.33 -4.27 -1.56
CA ALA C 308 18.10 -2.93 -1.04
C ALA C 308 17.26 -2.14 -2.04
N GLY C 309 15.95 -2.09 -1.82
CA GLY C 309 15.08 -1.31 -2.66
C GLY C 309 13.92 -0.64 -1.94
N HIS C 310 13.94 -0.70 -0.61
CA HIS C 310 12.83 -0.20 0.21
C HIS C 310 13.32 0.93 1.10
N ASP C 311 12.41 1.86 1.40
CA ASP C 311 12.69 2.97 2.31
C ASP C 311 11.88 2.86 3.60
N ASN C 312 11.42 1.67 3.95
CA ASN C 312 10.74 1.43 5.22
C ASN C 312 10.96 -0.02 5.62
N ARG C 313 10.33 -0.43 6.71
CA ARG C 313 10.58 -1.75 7.26
C ARG C 313 9.95 -2.84 6.40
N VAL C 314 10.73 -3.85 6.06
CA VAL C 314 10.22 -5.00 5.30
C VAL C 314 9.45 -5.91 6.25
N SER C 315 8.22 -6.27 5.87
CA SER C 315 7.33 -7.01 6.74
C SER C 315 7.03 -8.43 6.28
N CYS C 316 7.17 -8.73 4.99
CA CYS C 316 6.74 -10.02 4.46
C CYS C 316 7.64 -10.45 3.31
N LEU C 317 7.71 -11.77 3.12
CA LEU C 317 8.54 -12.39 2.09
C LEU C 317 7.71 -13.45 1.36
N GLY C 318 8.34 -14.10 0.38
CA GLY C 318 7.67 -15.16 -0.35
C GLY C 318 8.44 -15.66 -1.56
N VAL C 319 8.45 -16.97 -1.77
CA VAL C 319 9.12 -17.59 -2.90
C VAL C 319 8.11 -18.46 -3.64
N THR C 320 8.14 -18.40 -4.97
CA THR C 320 7.21 -19.14 -5.79
C THR C 320 7.49 -20.65 -5.70
N ASP C 321 6.50 -21.44 -6.12
CA ASP C 321 6.64 -22.89 -6.06
C ASP C 321 7.70 -23.39 -7.03
N ASP C 322 7.80 -22.77 -8.20
CA ASP C 322 8.85 -23.11 -9.17
C ASP C 322 10.17 -22.43 -8.88
N GLY C 323 10.24 -21.55 -7.88
CA GLY C 323 11.48 -20.92 -7.48
C GLY C 323 12.06 -19.95 -8.49
N MET C 324 11.22 -19.20 -9.19
CA MET C 324 11.69 -18.27 -10.20
C MET C 324 11.84 -16.85 -9.70
N ALA C 325 11.04 -16.43 -8.71
CA ALA C 325 11.08 -15.04 -8.24
C ALA C 325 10.82 -15.01 -6.74
N VAL C 326 11.23 -13.89 -6.14
CA VAL C 326 10.99 -13.63 -4.73
C VAL C 326 10.31 -12.27 -4.60
N ALA C 327 9.34 -12.17 -3.70
CA ALA C 327 8.55 -10.96 -3.51
C ALA C 327 8.76 -10.42 -2.11
N THR C 328 8.90 -9.09 -2.00
CA THR C 328 9.10 -8.42 -0.73
C THR C 328 8.07 -7.31 -0.58
N GLY C 329 7.50 -7.20 0.61
CA GLY C 329 6.58 -6.12 0.94
C GLY C 329 7.08 -5.37 2.16
N SER C 330 6.84 -4.06 2.16
CA SER C 330 7.34 -3.21 3.23
C SER C 330 6.26 -2.21 3.64
N TRP C 331 6.62 -1.30 4.54
CA TRP C 331 5.69 -0.33 5.08
C TRP C 331 5.52 0.90 4.20
N ASP C 332 6.23 0.97 3.08
CA ASP C 332 6.14 2.11 2.17
C ASP C 332 5.00 1.98 1.17
N SER C 333 4.12 0.99 1.35
CA SER C 333 2.96 0.74 0.50
C SER C 333 3.34 0.22 -0.88
N PHE C 334 4.54 -0.32 -1.04
CA PHE C 334 5.00 -0.89 -2.30
C PHE C 334 5.52 -2.29 -2.07
N LEU C 335 5.38 -3.14 -3.10
CA LEU C 335 5.97 -4.47 -3.09
C LEU C 335 6.61 -4.73 -4.45
N LYS C 336 7.75 -5.41 -4.43
CA LYS C 336 8.56 -5.61 -5.62
C LYS C 336 8.81 -7.10 -5.84
N ILE C 337 9.13 -7.43 -7.09
CA ILE C 337 9.44 -8.80 -7.50
C ILE C 337 10.87 -8.82 -8.02
N TRP C 338 11.68 -9.74 -7.49
CA TRP C 338 13.09 -9.82 -7.81
C TRP C 338 13.40 -11.12 -8.54
N ASN C 339 14.44 -11.09 -9.36
CA ASN C 339 14.85 -12.25 -10.15
C ASN C 339 16.33 -12.19 -10.48
N GLN D 11 -1.51 -29.04 37.86
CA GLN D 11 -0.64 -28.24 37.01
C GLN D 11 0.75 -28.86 36.92
N ALA D 12 1.32 -29.20 38.08
CA ALA D 12 2.64 -29.81 38.11
C ALA D 12 2.64 -31.20 37.48
N ARG D 13 1.55 -31.96 37.67
CA ARG D 13 1.48 -33.30 37.09
C ARG D 13 1.47 -33.25 35.57
N LYS D 14 0.81 -32.24 35.00
CA LYS D 14 0.76 -32.12 33.54
C LYS D 14 2.14 -31.88 32.95
N LEU D 15 2.95 -31.03 33.61
CA LEU D 15 4.29 -30.75 33.12
C LEU D 15 5.17 -31.99 33.16
N VAL D 16 5.06 -32.80 34.23
CA VAL D 16 5.85 -34.02 34.34
C VAL D 16 5.46 -35.00 33.23
N GLU D 17 4.17 -35.14 32.97
CA GLU D 17 3.72 -36.05 31.91
C GLU D 17 4.24 -35.63 30.55
N GLN D 18 4.23 -34.32 30.26
CA GLN D 18 4.74 -33.85 28.98
C GLN D 18 6.25 -34.05 28.86
N LEU D 19 7.00 -33.78 29.94
CA LEU D 19 8.44 -33.96 29.92
C LEU D 19 8.81 -35.43 29.74
N LYS D 20 8.07 -36.34 30.39
CA LYS D 20 8.38 -37.76 30.27
C LYS D 20 8.17 -38.25 28.84
N MET D 21 7.12 -37.78 28.18
CA MET D 21 6.85 -38.21 26.81
C MET D 21 7.94 -37.74 25.85
N GLU D 22 8.45 -36.53 26.06
CA GLU D 22 9.48 -35.98 25.18
C GLU D 22 10.87 -36.46 25.53
N ALA D 23 11.06 -37.11 26.67
CA ALA D 23 12.37 -37.58 27.10
C ALA D 23 12.65 -39.03 26.70
N ASN D 24 11.74 -39.68 25.98
CA ASN D 24 11.93 -41.06 25.51
C ASN D 24 11.68 -41.07 24.01
N ILE D 25 12.72 -40.76 23.23
CA ILE D 25 12.67 -40.80 21.78
C ILE D 25 14.01 -41.28 21.26
N ASP D 26 14.01 -41.69 19.99
CA ASP D 26 15.22 -42.17 19.32
C ASP D 26 15.85 -41.03 18.55
N ARG D 27 17.12 -40.74 18.86
CA ARG D 27 17.86 -39.65 18.23
C ARG D 27 18.97 -40.23 17.37
N ILE D 28 19.34 -39.46 16.34
CA ILE D 28 20.42 -39.84 15.43
C ILE D 28 21.52 -38.81 15.53
N LYS D 29 22.74 -39.23 15.18
CA LYS D 29 23.92 -38.40 15.35
C LYS D 29 23.88 -37.18 14.45
N VAL D 30 24.58 -36.12 14.87
CA VAL D 30 24.64 -34.89 14.10
C VAL D 30 25.36 -35.12 12.77
N SER D 31 26.39 -35.99 12.76
CA SER D 31 27.12 -36.25 11.54
C SER D 31 26.21 -36.81 10.45
N LYS D 32 25.33 -37.73 10.82
CA LYS D 32 24.34 -38.23 9.85
C LYS D 32 23.39 -37.12 9.42
N ALA D 33 22.94 -36.29 10.37
CA ALA D 33 22.01 -35.22 10.04
C ALA D 33 22.64 -34.21 9.10
N ALA D 34 23.89 -33.82 9.36
CA ALA D 34 24.58 -32.89 8.48
C ALA D 34 24.82 -33.51 7.11
N ALA D 35 25.22 -34.79 7.07
CA ALA D 35 25.46 -35.45 5.80
C ALA D 35 24.18 -35.59 4.98
N ASP D 36 23.08 -35.99 5.64
CA ASP D 36 21.82 -36.12 4.92
C ASP D 36 21.27 -34.76 4.48
N LEU D 37 21.63 -33.69 5.18
CA LEU D 37 21.21 -32.36 4.76
C LEU D 37 22.04 -31.82 3.61
N MET D 38 23.33 -32.19 3.57
CA MET D 38 24.20 -31.74 2.48
C MET D 38 23.91 -32.47 1.18
N ALA D 39 23.52 -33.74 1.25
CA ALA D 39 23.28 -34.52 0.03
C ALA D 39 22.03 -34.04 -0.70
N TYR D 40 21.02 -33.57 0.02
CA TYR D 40 19.80 -33.10 -0.62
C TYR D 40 20.08 -31.87 -1.49
N CYS D 41 20.95 -30.98 -1.02
CA CYS D 41 21.24 -29.76 -1.78
C CYS D 41 21.97 -30.06 -3.07
N GLU D 42 22.87 -31.04 -3.05
CA GLU D 42 23.64 -31.37 -4.25
C GLU D 42 22.75 -31.95 -5.35
N ALA D 43 21.73 -32.74 -4.96
CA ALA D 43 20.90 -33.39 -5.95
C ALA D 43 20.03 -32.41 -6.72
N HIS D 44 19.61 -31.32 -6.08
CA HIS D 44 18.69 -30.35 -6.69
C HIS D 44 19.38 -29.04 -7.03
N ALA D 45 20.71 -29.04 -7.19
CA ALA D 45 21.43 -27.80 -7.49
C ALA D 45 21.04 -27.24 -8.86
N LYS D 46 20.86 -28.12 -9.84
CA LYS D 46 20.58 -27.68 -11.20
C LYS D 46 19.15 -27.20 -11.41
N GLU D 47 18.25 -27.44 -10.45
CA GLU D 47 16.86 -27.04 -10.56
C GLU D 47 16.52 -25.83 -9.69
N ASP D 48 17.53 -25.03 -9.33
CA ASP D 48 17.31 -23.84 -8.52
C ASP D 48 17.60 -22.59 -9.35
N PRO D 49 16.58 -21.93 -9.88
CA PRO D 49 16.83 -20.72 -10.68
C PRO D 49 17.52 -19.60 -9.91
N LEU D 50 17.25 -19.47 -8.61
CA LEU D 50 17.89 -18.41 -7.83
C LEU D 50 19.36 -18.68 -7.57
N LEU D 51 19.82 -19.92 -7.74
CA LEU D 51 21.21 -20.28 -7.58
C LEU D 51 21.97 -20.32 -8.91
N THR D 52 21.36 -20.88 -9.95
CA THR D 52 21.91 -20.92 -11.31
C THR D 52 20.93 -20.19 -12.22
N PRO D 53 21.16 -18.91 -12.49
CA PRO D 53 20.17 -18.13 -13.26
C PRO D 53 19.93 -18.72 -14.64
N VAL D 54 18.67 -18.71 -15.07
CA VAL D 54 18.27 -19.20 -16.38
C VAL D 54 18.49 -18.10 -17.41
N PRO D 55 18.62 -18.42 -18.68
CA PRO D 55 18.76 -17.37 -19.70
C PRO D 55 17.48 -16.56 -19.84
N ALA D 56 17.62 -15.39 -20.47
CA ALA D 56 16.50 -14.47 -20.61
C ALA D 56 15.36 -15.06 -21.44
N SER D 57 15.65 -16.04 -22.30
CA SER D 57 14.60 -16.65 -23.10
C SER D 57 13.58 -17.40 -22.24
N GLU D 58 14.06 -18.09 -21.20
CA GLU D 58 13.20 -18.88 -20.32
C GLU D 58 12.73 -18.10 -19.11
N ASN D 59 13.11 -16.83 -18.97
CA ASN D 59 12.70 -16.02 -17.83
C ASN D 59 11.34 -15.39 -18.11
N PRO D 60 10.32 -15.63 -17.27
CA PRO D 60 9.01 -15.01 -17.50
C PRO D 60 8.88 -13.61 -16.91
N PHE D 61 9.91 -13.09 -16.25
CA PHE D 61 9.86 -11.75 -15.67
C PHE D 61 10.87 -10.83 -16.35
N VAL E 2 -29.99 -16.06 -11.86
CA VAL E 2 -29.59 -15.31 -13.04
C VAL E 2 -30.68 -15.39 -14.11
N GLN E 3 -31.17 -14.23 -14.54
CA GLN E 3 -32.21 -14.17 -15.55
C GLN E 3 -31.90 -13.05 -16.54
N LEU E 4 -32.30 -13.27 -17.79
CA LEU E 4 -32.20 -12.25 -18.83
C LEU E 4 -33.45 -12.36 -19.70
N VAL E 5 -34.35 -11.39 -19.57
CA VAL E 5 -35.62 -11.38 -20.29
C VAL E 5 -35.57 -10.26 -21.31
N GLU E 6 -35.81 -10.60 -22.57
CA GLU E 6 -35.80 -9.65 -23.67
C GLU E 6 -37.22 -9.29 -24.07
N SER E 7 -37.42 -8.03 -24.44
CA SER E 7 -38.73 -7.51 -24.82
C SER E 7 -38.62 -6.73 -26.11
N GLY E 8 -39.72 -6.69 -26.86
CA GLY E 8 -39.74 -6.04 -28.16
C GLY E 8 -40.39 -6.90 -29.22
N GLY E 9 -39.89 -6.82 -30.44
CA GLY E 9 -40.41 -7.64 -31.51
C GLY E 9 -41.71 -7.11 -32.09
N GLY E 10 -42.20 -7.81 -33.11
CA GLY E 10 -43.43 -7.48 -33.79
C GLY E 10 -43.20 -7.38 -35.29
N LEU E 11 -44.22 -6.90 -35.99
CA LEU E 11 -44.18 -6.75 -37.43
C LEU E 11 -43.97 -5.28 -37.77
N VAL E 12 -42.91 -5.00 -38.54
CA VAL E 12 -42.50 -3.65 -38.87
C VAL E 12 -42.36 -3.53 -40.38
N GLN E 13 -42.94 -2.48 -40.95
CA GLN E 13 -42.76 -2.21 -42.36
C GLN E 13 -41.32 -1.76 -42.62
N PRO E 14 -40.79 -2.04 -43.82
CA PRO E 14 -39.42 -1.62 -44.13
C PRO E 14 -39.27 -0.11 -44.05
N GLY E 15 -38.11 0.32 -43.56
CA GLY E 15 -37.84 1.73 -43.37
C GLY E 15 -38.21 2.28 -42.02
N GLY E 16 -38.84 1.48 -41.16
CA GLY E 16 -39.24 1.93 -39.84
C GLY E 16 -38.12 1.84 -38.82
N SER E 17 -38.48 2.12 -37.57
CA SER E 17 -37.54 2.09 -36.47
C SER E 17 -38.14 1.31 -35.30
N ARG E 18 -37.27 0.67 -34.52
CA ARG E 18 -37.68 -0.12 -33.37
C ARG E 18 -36.53 -0.19 -32.39
N LYS E 19 -36.86 -0.49 -31.15
CA LYS E 19 -35.84 -0.72 -30.12
C LYS E 19 -36.22 -1.94 -29.29
N LEU E 20 -35.20 -2.64 -28.80
CA LEU E 20 -35.38 -3.82 -27.97
C LEU E 20 -34.78 -3.57 -26.59
N SER E 21 -35.35 -4.22 -25.58
CA SER E 21 -34.93 -4.05 -24.21
C SER E 21 -34.70 -5.41 -23.56
N CYS E 22 -33.74 -5.45 -22.64
CA CYS E 22 -33.39 -6.67 -21.91
C CYS E 22 -33.22 -6.32 -20.45
N SER E 23 -33.95 -7.00 -19.57
CA SER E 23 -33.90 -6.76 -18.14
C SER E 23 -33.11 -7.87 -17.45
N ALA E 24 -32.18 -7.48 -16.59
CA ALA E 24 -31.32 -8.40 -15.87
C ALA E 24 -31.66 -8.38 -14.39
N SER E 25 -31.70 -9.56 -13.79
CA SER E 25 -32.00 -9.68 -12.37
C SER E 25 -31.39 -10.96 -11.83
N GLY E 26 -30.47 -10.83 -10.87
CA GLY E 26 -29.89 -11.99 -10.22
C GLY E 26 -28.37 -12.01 -10.18
N PHE E 27 -27.73 -10.94 -10.68
CA PHE E 27 -26.28 -10.88 -10.67
C PHE E 27 -25.86 -9.42 -10.78
N ALA E 28 -24.58 -9.16 -10.53
CA ALA E 28 -24.00 -7.82 -10.62
C ALA E 28 -23.92 -7.42 -12.09
N PHE E 29 -24.83 -6.53 -12.50
CA PHE E 29 -24.94 -6.14 -13.90
C PHE E 29 -23.83 -5.20 -14.33
N SER E 30 -23.32 -4.36 -13.42
CA SER E 30 -22.37 -3.32 -13.80
C SER E 30 -20.98 -3.86 -14.10
N SER E 31 -20.69 -5.10 -13.70
CA SER E 31 -19.36 -5.68 -13.88
C SER E 31 -19.29 -6.63 -15.07
N PHE E 32 -20.31 -6.65 -15.92
CA PHE E 32 -20.38 -7.59 -17.03
C PHE E 32 -20.53 -6.84 -18.34
N GLY E 33 -19.82 -7.32 -19.37
CA GLY E 33 -20.02 -6.83 -20.72
C GLY E 33 -21.22 -7.49 -21.37
N MET E 34 -21.75 -6.85 -22.42
CA MET E 34 -22.97 -7.30 -23.07
C MET E 34 -22.76 -7.40 -24.57
N HIS E 35 -23.39 -8.42 -25.17
CA HIS E 35 -23.34 -8.66 -26.60
C HIS E 35 -24.74 -8.83 -27.14
N TRP E 36 -24.90 -8.53 -28.43
CA TRP E 36 -26.12 -8.83 -29.18
C TRP E 36 -25.79 -9.83 -30.27
N VAL E 37 -26.51 -10.95 -30.28
CA VAL E 37 -26.34 -12.01 -31.27
C VAL E 37 -27.71 -12.36 -31.82
N ARG E 38 -27.80 -12.47 -33.15
CA ARG E 38 -29.05 -12.77 -33.82
C ARG E 38 -28.90 -14.04 -34.65
N GLN E 39 -30.02 -14.72 -34.85
CA GLN E 39 -30.07 -15.98 -35.61
C GLN E 39 -31.19 -15.91 -36.63
N ALA E 40 -30.86 -16.15 -37.89
CA ALA E 40 -31.85 -16.15 -38.94
C ALA E 40 -32.77 -17.36 -38.80
N PRO E 41 -33.97 -17.29 -39.38
CA PRO E 41 -34.92 -18.42 -39.22
C PRO E 41 -34.39 -19.74 -39.71
N GLU E 42 -33.57 -19.76 -40.75
CA GLU E 42 -33.02 -21.00 -41.31
C GLU E 42 -31.53 -20.86 -41.56
N LYS E 43 -30.81 -20.33 -40.57
CA LYS E 43 -29.37 -20.16 -40.69
C LYS E 43 -28.77 -20.26 -39.29
N GLY E 44 -27.51 -19.83 -39.15
CA GLY E 44 -26.78 -19.93 -37.91
C GLY E 44 -26.76 -18.63 -37.14
N LEU E 45 -25.75 -18.49 -36.28
CA LEU E 45 -25.61 -17.35 -35.40
C LEU E 45 -24.80 -16.25 -36.07
N GLU E 46 -25.04 -15.01 -35.63
CA GLU E 46 -24.33 -13.85 -36.15
C GLU E 46 -24.20 -12.81 -35.05
N TRP E 47 -23.01 -12.23 -34.93
CA TRP E 47 -22.73 -11.23 -33.91
C TRP E 47 -23.10 -9.84 -34.42
N VAL E 48 -23.55 -8.98 -33.50
CA VAL E 48 -24.09 -7.68 -33.88
C VAL E 48 -23.30 -6.54 -33.25
N ALA E 49 -23.27 -6.47 -31.93
CA ALA E 49 -22.68 -5.33 -31.25
C ALA E 49 -22.15 -5.74 -29.89
N TYR E 50 -21.34 -4.88 -29.29
CA TYR E 50 -20.72 -5.12 -28.00
C TYR E 50 -20.55 -3.80 -27.26
N ILE E 51 -20.83 -3.81 -25.96
CA ILE E 51 -20.61 -2.65 -25.09
C ILE E 51 -19.84 -3.10 -23.87
N SER E 52 -18.80 -2.35 -23.52
CA SER E 52 -17.92 -2.74 -22.43
C SER E 52 -18.51 -2.34 -21.09
N SER E 53 -17.90 -2.85 -20.02
CA SER E 53 -18.28 -2.50 -18.65
C SER E 53 -17.90 -1.05 -18.38
N GLY E 54 -18.90 -0.20 -18.21
CA GLY E 54 -18.67 1.23 -18.07
C GLY E 54 -18.94 2.05 -19.31
N SER E 55 -19.43 1.41 -20.38
CA SER E 55 -19.76 2.10 -21.63
C SER E 55 -18.58 2.87 -22.20
N GLY E 56 -17.39 2.27 -22.11
CA GLY E 56 -16.19 2.91 -22.60
C GLY E 56 -15.70 2.38 -23.93
N THR E 57 -16.29 1.29 -24.41
CA THR E 57 -15.90 0.68 -25.68
C THR E 57 -17.14 0.13 -26.36
N ILE E 58 -17.31 0.47 -27.63
CA ILE E 58 -18.45 0.03 -28.43
C ILE E 58 -17.93 -0.47 -29.78
N TYR E 59 -18.40 -1.64 -30.20
CA TYR E 59 -18.05 -2.20 -31.49
C TYR E 59 -19.31 -2.57 -32.25
N TYR E 60 -19.22 -2.50 -33.58
CA TYR E 60 -20.34 -2.80 -34.46
C TYR E 60 -19.88 -3.70 -35.60
N ALA E 61 -20.84 -4.39 -36.20
CA ALA E 61 -20.60 -5.16 -37.41
C ALA E 61 -20.77 -4.26 -38.64
N ASP E 62 -20.10 -4.65 -39.73
CA ASP E 62 -20.14 -3.86 -40.94
C ASP E 62 -21.52 -3.82 -41.58
N THR E 63 -22.39 -4.79 -41.26
CA THR E 63 -23.72 -4.82 -41.87
C THR E 63 -24.62 -3.75 -41.26
N VAL E 64 -24.55 -3.56 -39.95
CA VAL E 64 -25.48 -2.69 -39.22
C VAL E 64 -24.81 -1.40 -38.76
N LYS E 65 -23.62 -1.10 -39.26
CA LYS E 65 -22.93 0.11 -38.85
C LYS E 65 -23.62 1.33 -39.46
N GLY E 66 -23.82 2.37 -38.64
CA GLY E 66 -24.43 3.59 -39.09
C GLY E 66 -25.92 3.69 -38.86
N ARG E 67 -26.59 2.58 -38.58
CA ARG E 67 -28.04 2.60 -38.35
C ARG E 67 -28.48 1.83 -37.11
N PHE E 68 -27.54 1.28 -36.35
CA PHE E 68 -27.84 0.59 -35.10
C PHE E 68 -27.12 1.29 -33.95
N THR E 69 -27.79 1.35 -32.79
CA THR E 69 -27.22 1.99 -31.61
C THR E 69 -27.45 1.10 -30.40
N ILE E 70 -26.41 0.94 -29.58
CA ILE E 70 -26.47 0.12 -28.39
C ILE E 70 -26.21 1.00 -27.17
N SER E 71 -26.97 0.79 -26.11
CA SER E 71 -26.82 1.56 -24.88
C SER E 71 -27.28 0.71 -23.71
N ARG E 72 -26.86 1.12 -22.51
CA ARG E 72 -27.22 0.43 -21.28
C ARG E 72 -27.58 1.44 -20.21
N ASP E 73 -28.39 1.00 -19.25
CA ASP E 73 -28.80 1.81 -18.11
C ASP E 73 -28.47 1.02 -16.84
N ASP E 74 -27.31 1.32 -16.25
CA ASP E 74 -26.84 0.54 -15.11
C ASP E 74 -27.76 0.63 -13.89
N PRO E 75 -28.22 1.80 -13.44
CA PRO E 75 -29.10 1.82 -12.26
C PRO E 75 -30.39 1.05 -12.45
N LYS E 76 -30.95 1.03 -13.65
CA LYS E 76 -32.20 0.32 -13.92
C LYS E 76 -31.97 -1.11 -14.38
N ASN E 77 -30.72 -1.52 -14.60
CA ASN E 77 -30.38 -2.87 -15.03
C ASN E 77 -31.12 -3.26 -16.31
N THR E 78 -30.90 -2.47 -17.35
CA THR E 78 -31.57 -2.67 -18.63
C THR E 78 -30.60 -2.39 -19.76
N LEU E 79 -30.77 -3.13 -20.86
CA LEU E 79 -29.96 -2.97 -22.06
C LEU E 79 -30.86 -2.65 -23.25
N PHE E 80 -30.41 -1.74 -24.10
CA PHE E 80 -31.20 -1.27 -25.23
C PHE E 80 -30.45 -1.50 -26.54
N LEU E 81 -31.22 -1.48 -27.63
CA LEU E 81 -30.67 -1.58 -28.98
C LEU E 81 -31.60 -0.84 -29.92
N GLN E 82 -31.19 0.34 -30.37
CA GLN E 82 -31.99 1.16 -31.26
C GLN E 82 -31.57 0.90 -32.70
N MET E 83 -32.55 0.61 -33.56
CA MET E 83 -32.30 0.27 -34.96
C MET E 83 -33.22 1.07 -35.86
N THR E 84 -32.65 1.60 -36.94
CA THR E 84 -33.38 2.42 -37.90
C THR E 84 -33.10 1.93 -39.31
N SER E 85 -33.98 2.34 -40.24
CA SER E 85 -33.88 1.98 -41.65
C SER E 85 -33.84 0.45 -41.83
N LEU E 86 -34.87 -0.20 -41.30
CA LEU E 86 -34.93 -1.65 -41.32
C LEU E 86 -35.11 -2.18 -42.73
N ARG E 87 -34.39 -3.25 -43.05
CA ARG E 87 -34.51 -3.96 -44.31
C ARG E 87 -35.02 -5.37 -44.07
N SER E 88 -35.31 -6.08 -45.17
CA SER E 88 -35.82 -7.43 -45.08
C SER E 88 -34.79 -8.43 -44.57
N GLU E 89 -33.52 -8.04 -44.50
CA GLU E 89 -32.46 -8.92 -44.02
C GLU E 89 -32.27 -8.85 -42.51
N ASP E 90 -33.11 -8.08 -41.80
CA ASP E 90 -33.01 -7.93 -40.36
C ASP E 90 -34.03 -8.77 -39.60
N THR E 91 -34.71 -9.70 -40.28
CA THR E 91 -35.68 -10.57 -39.64
C THR E 91 -34.94 -11.74 -39.00
N ALA E 92 -34.85 -11.73 -37.67
CA ALA E 92 -34.12 -12.75 -36.94
C ALA E 92 -34.56 -12.73 -35.48
N MET E 93 -34.06 -13.68 -34.71
CA MET E 93 -34.27 -13.73 -33.26
C MET E 93 -33.01 -13.22 -32.57
N TYR E 94 -33.17 -12.22 -31.72
CA TYR E 94 -32.04 -11.51 -31.13
C TYR E 94 -31.83 -11.95 -29.69
N TYR E 95 -30.60 -12.37 -29.38
CA TYR E 95 -30.23 -12.86 -28.06
C TYR E 95 -29.36 -11.84 -27.34
N CYS E 96 -29.27 -12.01 -26.03
CA CYS E 96 -28.42 -11.18 -25.17
C CYS E 96 -27.49 -12.08 -24.38
N VAL E 97 -26.20 -11.75 -24.39
CA VAL E 97 -25.16 -12.58 -23.77
C VAL E 97 -24.35 -11.71 -22.82
N ARG E 98 -23.94 -12.28 -21.70
CA ARG E 98 -23.07 -11.62 -20.73
C ARG E 98 -21.67 -12.19 -20.82
N SER E 99 -20.68 -11.38 -20.46
CA SER E 99 -19.29 -11.80 -20.52
C SER E 99 -18.46 -10.94 -19.58
N ILE E 100 -17.44 -11.55 -18.99
CA ILE E 100 -16.51 -10.86 -18.09
C ILE E 100 -15.09 -11.30 -18.44
N TYR E 101 -14.14 -10.38 -18.33
CA TYR E 101 -12.78 -10.59 -18.82
C TYR E 101 -11.76 -10.31 -17.73
N TYR E 102 -11.10 -11.37 -17.26
CA TYR E 102 -9.90 -11.26 -16.44
C TYR E 102 -9.15 -12.59 -16.53
N TYR E 103 -8.08 -12.71 -15.76
CA TYR E 103 -7.24 -13.91 -15.82
C TYR E 103 -8.02 -15.09 -15.25
N GLY E 104 -8.38 -16.03 -16.11
CA GLY E 104 -9.14 -17.20 -15.71
C GLY E 104 -10.64 -17.08 -15.86
N SER E 105 -11.13 -16.05 -16.55
CA SER E 105 -12.56 -15.86 -16.73
C SER E 105 -13.10 -16.80 -17.81
N SER E 106 -14.42 -16.93 -17.84
CA SER E 106 -15.13 -17.76 -18.82
C SER E 106 -16.22 -16.92 -19.46
N PRO E 107 -15.88 -16.12 -20.46
CA PRO E 107 -16.89 -15.28 -21.13
C PRO E 107 -17.90 -16.13 -21.89
N PHE E 108 -18.99 -15.46 -22.30
CA PHE E 108 -20.08 -16.11 -23.03
C PHE E 108 -20.66 -17.28 -22.24
N ASP E 109 -20.83 -17.09 -20.93
CA ASP E 109 -21.24 -18.17 -20.05
C ASP E 109 -22.75 -18.33 -19.93
N PHE E 110 -23.50 -17.23 -19.98
CA PHE E 110 -24.95 -17.28 -19.83
C PHE E 110 -25.62 -16.57 -20.99
N TRP E 111 -26.59 -17.22 -21.61
CA TRP E 111 -27.43 -16.65 -22.64
C TRP E 111 -28.85 -16.46 -22.12
N GLY E 112 -29.64 -15.70 -22.86
CA GLY E 112 -31.01 -15.45 -22.50
C GLY E 112 -31.94 -15.61 -23.69
N GLN E 113 -33.15 -16.06 -23.39
CA GLN E 113 -34.16 -16.22 -24.44
C GLN E 113 -34.49 -14.87 -25.04
N GLY E 114 -34.57 -14.83 -26.37
CA GLY E 114 -34.70 -13.59 -27.11
C GLY E 114 -36.11 -13.34 -27.64
N THR E 115 -36.19 -12.34 -28.51
CA THR E 115 -37.44 -11.91 -29.11
C THR E 115 -37.32 -11.97 -30.62
N THR E 116 -38.42 -12.33 -31.29
CA THR E 116 -38.45 -12.50 -32.73
C THR E 116 -38.92 -11.22 -33.39
N LEU E 117 -38.13 -10.72 -34.34
CA LEU E 117 -38.46 -9.53 -35.11
C LEU E 117 -38.64 -9.91 -36.57
N THR E 118 -39.75 -9.49 -37.16
CA THR E 118 -40.05 -9.74 -38.57
C THR E 118 -40.29 -8.43 -39.30
N VAL E 119 -39.69 -8.30 -40.47
CA VAL E 119 -39.82 -7.11 -41.30
C VAL E 119 -40.34 -7.56 -42.66
N SER E 120 -41.54 -7.11 -43.01
CA SER E 120 -42.17 -7.48 -44.28
C SER E 120 -43.35 -6.56 -44.57
N SER E 136 -10.38 -9.52 -44.87
CA SER E 136 -9.63 -9.40 -43.62
C SER E 136 -10.28 -10.22 -42.51
N ASP E 137 -11.53 -10.61 -42.72
CA ASP E 137 -12.25 -11.41 -41.73
C ASP E 137 -11.72 -12.83 -41.71
N ILE E 138 -11.91 -13.50 -40.58
CA ILE E 138 -11.48 -14.89 -40.40
C ILE E 138 -12.66 -15.79 -40.74
N VAL E 139 -12.41 -16.79 -41.58
CA VAL E 139 -13.44 -17.72 -42.03
C VAL E 139 -13.30 -19.01 -41.26
N MET E 140 -14.37 -19.42 -40.59
CA MET E 140 -14.42 -20.68 -39.84
C MET E 140 -15.32 -21.64 -40.58
N THR E 141 -14.79 -22.80 -40.95
CA THR E 141 -15.48 -23.76 -41.79
C THR E 141 -15.75 -25.05 -41.01
N GLN E 142 -16.99 -25.53 -41.08
CA GLN E 142 -17.38 -26.82 -40.55
C GLN E 142 -17.93 -27.62 -41.73
N ALA E 143 -17.08 -28.45 -42.33
CA ALA E 143 -17.44 -29.15 -43.56
C ALA E 143 -18.63 -30.10 -43.32
N THR E 144 -18.58 -30.86 -42.24
CA THR E 144 -19.68 -31.78 -41.93
C THR E 144 -20.93 -31.01 -41.55
N SER E 145 -22.09 -31.52 -41.96
CA SER E 145 -23.36 -30.90 -41.67
C SER E 145 -24.28 -31.78 -40.83
N SER E 146 -24.46 -33.04 -41.23
CA SER E 146 -25.31 -33.97 -40.49
C SER E 146 -24.52 -35.26 -40.24
N VAL E 147 -24.54 -35.73 -38.99
CA VAL E 147 -23.86 -36.96 -38.63
C VAL E 147 -24.86 -37.90 -37.97
N PRO E 148 -25.16 -39.05 -38.58
CA PRO E 148 -26.09 -39.99 -37.96
C PRO E 148 -25.41 -40.78 -36.85
N VAL E 149 -26.09 -40.88 -35.71
CA VAL E 149 -25.55 -41.58 -34.56
C VAL E 149 -26.68 -42.09 -33.67
N PRO E 151 -26.63 -44.40 -29.38
CA PRO E 151 -26.03 -44.06 -28.09
C PRO E 151 -24.87 -44.98 -27.72
N GLY E 152 -24.13 -44.61 -26.68
CA GLY E 152 -22.97 -45.40 -26.28
C GLY E 152 -21.88 -45.46 -27.31
N GLU E 153 -21.59 -44.35 -27.97
CA GLU E 153 -20.58 -44.29 -29.01
C GLU E 153 -19.80 -42.98 -28.91
N SER E 154 -18.65 -42.95 -29.56
CA SER E 154 -17.79 -41.79 -29.56
C SER E 154 -17.95 -41.02 -30.87
N VAL E 155 -18.16 -39.71 -30.76
CA VAL E 155 -18.38 -38.84 -31.91
C VAL E 155 -17.37 -37.70 -31.86
N SER E 156 -16.75 -37.41 -33.00
CA SER E 156 -15.77 -36.34 -33.13
C SER E 156 -16.25 -35.34 -34.18
N ILE E 157 -16.19 -34.06 -33.84
CA ILE E 157 -16.57 -32.97 -34.73
C ILE E 157 -15.36 -32.05 -34.91
N SER E 158 -15.17 -31.56 -36.12
CA SER E 158 -13.99 -30.76 -36.45
C SER E 158 -14.39 -29.37 -36.94
N CYS E 159 -13.53 -28.41 -36.65
CA CYS E 159 -13.65 -27.05 -37.13
C CYS E 159 -12.30 -26.60 -37.68
N ARG E 160 -12.32 -25.69 -38.64
CA ARG E 160 -11.11 -25.21 -39.29
C ARG E 160 -11.09 -23.69 -39.27
N SER E 161 -9.88 -23.13 -39.37
CA SER E 161 -9.67 -21.70 -39.29
C SER E 161 -8.85 -21.22 -40.47
N SER E 162 -9.10 -19.98 -40.89
CA SER E 162 -8.36 -19.40 -42.00
C SER E 162 -6.93 -19.05 -41.58
N LYS E 163 -6.76 -18.49 -40.39
CA LYS E 163 -5.45 -18.16 -39.87
C LYS E 163 -5.32 -18.73 -38.45
N SER E 164 -4.06 -18.85 -38.01
CA SER E 164 -3.79 -19.46 -36.72
C SER E 164 -4.39 -18.63 -35.58
N LEU E 165 -4.98 -19.31 -34.61
CA LEU E 165 -5.59 -18.68 -33.45
C LEU E 165 -4.69 -18.70 -32.22
N LEU E 166 -3.43 -19.09 -32.38
CA LEU E 166 -2.50 -19.20 -31.26
C LEU E 166 -1.74 -17.88 -31.12
N HIS E 167 -2.01 -17.15 -30.04
CA HIS E 167 -1.32 -15.90 -29.79
C HIS E 167 0.04 -16.15 -29.16
N SER E 168 0.89 -15.11 -29.18
CA SER E 168 2.24 -15.25 -28.65
C SER E 168 2.27 -15.48 -27.15
N ASN E 169 1.17 -15.20 -26.45
CA ASN E 169 1.11 -15.41 -25.01
C ASN E 169 0.79 -16.85 -24.61
N GLY E 170 0.53 -17.72 -25.59
CA GLY E 170 0.28 -19.11 -25.31
C GLY E 170 -1.18 -19.52 -25.21
N ASN E 171 -2.10 -18.67 -25.64
CA ASN E 171 -3.53 -18.95 -25.55
C ASN E 171 -4.11 -19.15 -26.94
N THR E 172 -5.01 -20.13 -27.06
CA THR E 172 -5.75 -20.38 -28.28
C THR E 172 -7.21 -20.03 -28.02
N TYR E 173 -7.76 -19.14 -28.84
CA TYR E 173 -9.09 -18.57 -28.61
C TYR E 173 -10.10 -19.30 -29.49
N LEU E 174 -10.61 -20.42 -28.97
CA LEU E 174 -11.65 -21.21 -29.62
C LEU E 174 -12.74 -21.53 -28.61
N TYR E 175 -13.99 -21.46 -29.04
CA TYR E 175 -15.14 -21.69 -28.18
C TYR E 175 -16.10 -22.66 -28.85
N TRP E 176 -16.80 -23.44 -28.02
CA TRP E 176 -17.77 -24.42 -28.49
C TRP E 176 -19.11 -24.18 -27.80
N PHE E 177 -20.20 -24.34 -28.56
CA PHE E 177 -21.54 -24.13 -28.06
C PHE E 177 -22.45 -25.26 -28.52
N LEU E 178 -23.51 -25.49 -27.75
CA LEU E 178 -24.52 -26.49 -28.07
C LEU E 178 -25.90 -25.86 -27.96
N GLN E 179 -26.76 -26.14 -28.93
CA GLN E 179 -28.11 -25.60 -28.96
C GLN E 179 -29.10 -26.75 -29.15
N ARG E 180 -29.87 -27.04 -28.10
CA ARG E 180 -30.91 -28.05 -28.17
C ARG E 180 -32.16 -27.47 -28.82
N PRO E 181 -33.01 -28.31 -29.39
CA PRO E 181 -34.22 -27.81 -30.06
C PRO E 181 -35.11 -27.04 -29.09
N GLY E 182 -35.62 -25.91 -29.57
CA GLY E 182 -36.49 -25.06 -28.75
C GLY E 182 -35.83 -24.55 -27.49
N GLN E 183 -34.56 -24.20 -27.56
CA GLN E 183 -33.81 -23.75 -26.40
C GLN E 183 -32.80 -22.69 -26.85
N SER E 184 -31.92 -22.30 -25.93
CA SER E 184 -30.88 -21.32 -26.20
C SER E 184 -29.50 -21.96 -26.07
N PRO E 185 -28.51 -21.48 -26.82
CA PRO E 185 -27.18 -22.09 -26.75
C PRO E 185 -26.53 -21.89 -25.39
N GLN E 186 -25.66 -22.83 -25.04
CA GLN E 186 -24.92 -22.81 -23.79
C GLN E 186 -23.46 -23.12 -24.07
N LEU E 187 -22.59 -22.64 -23.17
CA LEU E 187 -21.16 -22.81 -23.33
C LEU E 187 -20.73 -24.21 -22.90
N LEU E 188 -19.82 -24.80 -23.69
CA LEU E 188 -19.25 -26.11 -23.38
C LEU E 188 -17.75 -26.04 -23.16
N ILE E 189 -17.00 -25.47 -24.11
CA ILE E 189 -15.55 -25.38 -24.04
C ILE E 189 -15.13 -23.94 -24.33
N TYR E 190 -14.24 -23.41 -23.51
CA TYR E 190 -13.69 -22.08 -23.75
C TYR E 190 -12.17 -22.15 -23.81
N ARG E 191 -11.60 -21.42 -24.77
CA ARG E 191 -10.15 -21.42 -25.04
C ARG E 191 -9.64 -22.81 -25.38
N MET E 192 -10.49 -23.60 -26.05
CA MET E 192 -10.10 -24.79 -26.80
C MET E 192 -9.72 -25.97 -25.90
N SER E 193 -9.57 -25.74 -24.60
CA SER E 193 -9.17 -26.82 -23.70
C SER E 193 -9.96 -26.90 -22.40
N ASN E 194 -10.58 -25.81 -21.93
CA ASN E 194 -11.17 -25.77 -20.61
C ASN E 194 -12.65 -26.14 -20.67
N LEU E 195 -13.10 -26.85 -19.63
CA LEU E 195 -14.47 -27.34 -19.55
C LEU E 195 -15.29 -26.39 -18.67
N ALA E 196 -16.46 -26.00 -19.15
CA ALA E 196 -17.28 -25.03 -18.44
C ALA E 196 -17.91 -25.65 -17.20
N SER E 197 -18.43 -24.77 -16.33
CA SER E 197 -19.04 -25.22 -15.08
C SER E 197 -20.36 -25.92 -15.32
N GLY E 198 -20.63 -26.94 -14.52
CA GLY E 198 -21.87 -27.69 -14.62
C GLY E 198 -22.03 -28.47 -15.90
N VAL E 199 -20.94 -29.00 -16.45
CA VAL E 199 -20.96 -29.78 -17.67
C VAL E 199 -20.30 -31.12 -17.36
N PRO E 200 -20.88 -32.25 -17.79
CA PRO E 200 -20.27 -33.55 -17.49
C PRO E 200 -18.88 -33.69 -18.10
N ASP E 201 -18.04 -34.47 -17.44
CA ASP E 201 -16.65 -34.68 -17.85
C ASP E 201 -16.54 -35.49 -19.14
N ARG E 202 -17.63 -36.06 -19.65
CA ARG E 202 -17.58 -36.83 -20.89
C ARG E 202 -17.24 -35.96 -22.09
N PHE E 203 -17.36 -34.64 -21.97
CA PHE E 203 -17.02 -33.73 -23.06
C PHE E 203 -15.54 -33.37 -22.96
N SER E 204 -14.84 -33.47 -24.09
CA SER E 204 -13.43 -33.12 -24.16
C SER E 204 -13.15 -32.37 -25.46
N GLY E 205 -12.10 -31.56 -25.44
CA GLY E 205 -11.73 -30.80 -26.62
C GLY E 205 -10.24 -30.56 -26.71
N SER E 206 -9.68 -30.77 -27.90
CA SER E 206 -8.24 -30.60 -28.10
C SER E 206 -8.00 -30.27 -29.57
N GLY E 207 -6.81 -29.74 -29.84
CA GLY E 207 -6.44 -29.40 -31.20
C GLY E 207 -5.18 -28.57 -31.22
N SER E 208 -4.80 -28.17 -32.43
CA SER E 208 -3.63 -27.32 -32.63
C SER E 208 -4.02 -26.10 -33.45
N GLY E 209 -3.03 -25.35 -33.92
CA GLY E 209 -3.30 -24.23 -34.79
C GLY E 209 -3.99 -24.64 -36.08
N THR E 210 -5.10 -23.97 -36.40
CA THR E 210 -5.89 -24.08 -37.63
C THR E 210 -6.71 -25.38 -37.65
N ALA E 211 -6.48 -26.32 -36.73
CA ALA E 211 -7.20 -27.58 -36.70
C ALA E 211 -7.70 -27.86 -35.29
N PHE E 212 -9.00 -28.11 -35.16
CA PHE E 212 -9.62 -28.31 -33.86
C PHE E 212 -10.60 -29.47 -33.93
N THR E 213 -10.79 -30.12 -32.78
CA THR E 213 -11.66 -31.30 -32.70
C THR E 213 -12.37 -31.32 -31.37
N LEU E 214 -13.66 -31.68 -31.40
CA LEU E 214 -14.46 -31.87 -30.20
C LEU E 214 -14.92 -33.32 -30.16
N THR E 215 -14.63 -34.00 -29.05
CA THR E 215 -14.93 -35.41 -28.90
C THR E 215 -15.91 -35.62 -27.75
N ILE E 216 -16.85 -36.54 -27.96
CA ILE E 216 -17.83 -36.93 -26.94
C ILE E 216 -17.70 -38.42 -26.70
N SER E 217 -17.60 -38.80 -25.43
CA SER E 217 -17.47 -40.20 -25.04
C SER E 217 -18.71 -40.63 -24.26
N ARG E 218 -19.17 -41.86 -24.52
CA ARG E 218 -20.36 -42.42 -23.88
C ARG E 218 -21.58 -41.53 -24.15
N LEU E 219 -21.92 -41.42 -25.42
CA LEU E 219 -23.03 -40.57 -25.83
C LEU E 219 -24.34 -41.04 -25.21
N GLU E 220 -25.15 -40.08 -24.75
CA GLU E 220 -26.43 -40.38 -24.13
C GLU E 220 -27.50 -39.43 -24.63
N ALA E 221 -28.67 -39.45 -23.98
CA ALA E 221 -29.75 -38.54 -24.34
C ALA E 221 -29.38 -37.11 -23.94
N GLU E 222 -30.18 -36.16 -24.42
CA GLU E 222 -29.98 -34.73 -24.18
C GLU E 222 -28.63 -34.25 -24.69
N ASP E 223 -28.11 -34.92 -25.74
CA ASP E 223 -26.85 -34.55 -26.37
C ASP E 223 -27.01 -34.34 -27.87
N VAL E 224 -28.23 -34.15 -28.34
CA VAL E 224 -28.52 -33.98 -29.76
C VAL E 224 -28.82 -32.52 -30.03
N GLY E 225 -28.22 -31.98 -31.09
CA GLY E 225 -28.41 -30.58 -31.43
C GLY E 225 -27.39 -30.12 -32.45
N VAL E 226 -27.15 -28.82 -32.46
CA VAL E 226 -26.22 -28.19 -33.40
C VAL E 226 -25.03 -27.66 -32.61
N TYR E 227 -23.83 -27.90 -33.12
CA TYR E 227 -22.59 -27.50 -32.47
C TYR E 227 -21.93 -26.39 -33.28
N TYR E 228 -21.46 -25.35 -32.59
CA TYR E 228 -20.89 -24.18 -33.23
C TYR E 228 -19.47 -23.95 -32.71
N CYS E 229 -18.57 -23.58 -33.62
CA CYS E 229 -17.21 -23.19 -33.27
C CYS E 229 -17.05 -21.69 -33.53
N MET E 230 -16.51 -20.98 -32.55
CA MET E 230 -16.37 -19.53 -32.61
C MET E 230 -14.95 -19.13 -32.27
N GLN E 231 -14.48 -18.04 -32.87
CA GLN E 231 -13.18 -17.46 -32.59
C GLN E 231 -13.34 -16.14 -31.84
N HIS E 232 -12.40 -15.87 -30.94
CA HIS E 232 -12.38 -14.63 -30.18
C HIS E 232 -11.02 -13.95 -30.27
N LEU E 233 -10.30 -14.18 -31.37
CA LEU E 233 -8.97 -13.60 -31.50
C LEU E 233 -9.03 -12.10 -31.75
N GLU E 234 -9.93 -11.66 -32.64
CA GLU E 234 -10.05 -10.24 -32.96
C GLU E 234 -11.46 -9.96 -33.45
N TYR E 235 -11.91 -8.72 -33.24
CA TYR E 235 -13.21 -8.29 -33.70
C TYR E 235 -13.18 -8.04 -35.21
N PRO E 236 -14.26 -8.36 -35.93
CA PRO E 236 -15.51 -8.95 -35.43
C PRO E 236 -15.42 -10.46 -35.18
N LEU E 237 -16.33 -10.97 -34.35
CA LEU E 237 -16.38 -12.40 -34.04
C LEU E 237 -17.19 -13.14 -35.10
N THR E 238 -16.70 -14.32 -35.47
CA THR E 238 -17.32 -15.11 -36.54
C THR E 238 -17.62 -16.51 -36.02
N PHE E 239 -18.74 -17.07 -36.49
CA PHE E 239 -19.18 -18.41 -36.13
C PHE E 239 -18.96 -19.36 -37.29
N GLY E 240 -19.40 -20.60 -37.11
CA GLY E 240 -19.36 -21.61 -38.14
C GLY E 240 -20.74 -22.00 -38.62
N ALA E 241 -20.77 -22.80 -39.68
CA ALA E 241 -22.03 -23.23 -40.25
C ALA E 241 -22.83 -24.09 -39.28
N GLY E 242 -22.15 -24.96 -38.55
CA GLY E 242 -22.81 -25.80 -37.57
C GLY E 242 -22.92 -27.23 -38.05
N THR E 243 -22.84 -28.17 -37.10
CA THR E 243 -22.95 -29.59 -37.37
C THR E 243 -24.08 -30.15 -36.51
N LYS E 244 -24.98 -30.92 -37.14
CA LYS E 244 -26.17 -31.43 -36.48
C LYS E 244 -25.99 -32.91 -36.17
N LEU E 245 -26.30 -33.29 -34.93
CA LEU E 245 -26.23 -34.67 -34.49
C LEU E 245 -27.65 -35.21 -34.37
N GLU E 246 -27.93 -36.32 -35.06
CA GLU E 246 -29.25 -36.92 -35.08
C GLU E 246 -29.12 -38.43 -34.89
N LEU E 247 -30.17 -39.03 -34.34
CA LEU E 247 -30.19 -40.47 -34.09
C LEU E 247 -30.48 -41.23 -35.38
#